data_6X3J
#
_entry.id   6X3J
#
_cell.length_a   104.800
_cell.length_b   109.220
_cell.length_c   173.030
_cell.angle_alpha   90.000
_cell.angle_beta   90.000
_cell.angle_gamma   90.000
#
_symmetry.space_group_name_H-M   'P 21 21 21'
#
loop_
_entity.id
_entity.type
_entity.pdbx_description
1 polymer 'Virginiamycin A acetyltransferase,VatA'
2 non-polymer '(2R)-2-[(3S,4R,5E,10E,12E,14S,16R,26aR)-16-fluoro-14-hydroxy-4,12-dimethyl-1,7,22-trioxo-4,7,8,9,14,15,16,17,24,25,26,26a-dodecahydro-1H,3H,22H-21,18-(azeno)pyrrolo[2,1-c][1,8,4,19]dioxadiazacyclotetracosin-3-yl]propyl isoquinolin-3-ylcarbamate'
3 non-polymer 'PHOSPHATE ION'
4 non-polymer 'THIOACETIC ACID S-{2-[3-(2-HYDROXY-3,3-DIMETHYL-4-PHOSPHONOOXY-BUTYRYLAMINO)-PROPIONYLAMINO]-ETHYL} ESTER'
5 non-polymer 'CHLORIDE ION'
6 non-polymer 'MAGNESIUM ION'
7 water water
#
_entity_poly.entity_id   1
_entity_poly.type   'polypeptide(L)'
_entity_poly.pdbx_seq_one_letter_code
;HGPDPENILPIKGNRNLQFIKPTITNENILVGEYSYYDSKRGESFEDQVLYHYEVIGDKLIIGRFCSIGPGTTFIMNGAN
HRMDGSTYPFHLFRMGWEKYMPSLKDLPLKGDIEIGNDVWIGRDVTIMPGVKIGDGAIIAAEAVVTKNVAPYSIVGGNPL
KFIRKRFSDGVIEEWLALQWWNLDMKIINENLPFIINGDIEMLKRKRKL
;
_entity_poly.pdbx_strand_id   A,B,C,D,E,F
#
# COMPACT_ATOMS: atom_id res chain seq x y z
N HIS A 1 -11.11 28.72 26.03
CA HIS A 1 -9.78 28.20 25.72
C HIS A 1 -9.75 27.57 24.33
N GLY A 2 -10.06 26.28 24.25
CA GLY A 2 -10.05 25.58 22.99
C GLY A 2 -8.98 24.49 22.95
N PRO A 3 -8.69 23.98 21.76
CA PRO A 3 -7.70 22.90 21.66
C PRO A 3 -6.27 23.40 21.79
N ASP A 4 -5.39 22.48 22.10
CA ASP A 4 -3.96 22.75 22.19
C ASP A 4 -3.35 22.82 20.78
N PRO A 5 -2.81 23.96 20.36
CA PRO A 5 -2.23 24.03 19.01
C PRO A 5 -1.05 23.09 18.78
N GLU A 6 -0.38 22.66 19.84
CA GLU A 6 0.73 21.72 19.73
C GLU A 6 0.27 20.26 19.82
N ASN A 7 -1.04 20.02 19.87
CA ASN A 7 -1.57 18.68 19.82
C ASN A 7 -1.68 18.23 18.36
N ILE A 8 -0.93 17.18 18.01
CA ILE A 8 -0.89 16.76 16.61
C ILE A 8 -2.25 16.22 16.17
N LEU A 9 -2.88 15.41 17.02
CA LEU A 9 -4.18 14.82 16.74
C LEU A 9 -5.20 15.42 17.70
N PRO A 10 -5.82 16.55 17.35
CA PRO A 10 -6.69 17.23 18.31
C PRO A 10 -8.10 16.65 18.39
N ILE A 11 -8.45 15.72 17.50
CA ILE A 11 -9.76 15.07 17.50
C ILE A 11 -9.57 13.66 18.01
N LYS A 12 -10.23 13.34 19.12
CA LYS A 12 -10.06 12.03 19.75
C LYS A 12 -10.58 10.93 18.84
N GLY A 13 -9.80 9.86 18.74
CA GLY A 13 -10.14 8.73 17.89
C GLY A 13 -9.93 8.96 16.41
N ASN A 14 -9.37 10.10 16.01
CA ASN A 14 -9.14 10.44 14.61
C ASN A 14 -7.64 10.47 14.38
N ARG A 15 -7.14 9.51 13.62
CA ARG A 15 -5.72 9.41 13.32
C ARG A 15 -5.34 10.08 12.01
N ASN A 16 -6.29 10.70 11.31
CA ASN A 16 -6.06 11.32 10.01
C ASN A 16 -5.89 12.83 10.11
N LEU A 17 -6.82 13.53 10.76
CA LEU A 17 -6.75 14.99 10.82
C LEU A 17 -5.65 15.42 11.77
N GLN A 18 -4.75 16.26 11.27
CA GLN A 18 -3.57 16.67 12.02
C GLN A 18 -3.45 18.19 12.06
N PHE A 19 -3.00 18.71 13.20
CA PHE A 19 -2.52 20.09 13.29
C PHE A 19 -1.14 20.13 12.63
N ILE A 20 -0.97 20.99 11.64
CA ILE A 20 0.25 20.95 10.84
C ILE A 20 1.46 21.35 11.67
N LYS A 21 1.38 22.51 12.33
CA LYS A 21 2.55 23.13 12.95
C LYS A 21 3.37 22.18 13.81
N PRO A 22 2.78 21.35 14.68
CA PRO A 22 3.61 20.48 15.54
C PRO A 22 4.18 19.28 14.82
N THR A 23 3.81 19.02 13.57
CA THR A 23 4.39 17.94 12.78
C THR A 23 5.52 18.39 11.89
N ILE A 24 5.76 19.69 11.79
CA ILE A 24 6.73 20.24 10.85
C ILE A 24 8.14 20.02 11.39
N THR A 25 9.00 19.45 10.55
CA THR A 25 10.40 19.22 10.91
C THR A 25 11.35 19.90 9.92
N ASN A 26 10.83 20.67 8.98
CA ASN A 26 11.66 21.41 8.03
C ASN A 26 11.59 22.90 8.33
N GLU A 27 12.76 23.54 8.29
CA GLU A 27 12.89 24.93 8.72
C GLU A 27 12.32 25.92 7.71
N ASN A 28 11.99 25.48 6.50
CA ASN A 28 11.45 26.36 5.47
C ASN A 28 9.94 26.25 5.31
N ILE A 29 9.26 25.61 6.26
CA ILE A 29 7.81 25.44 6.19
C ILE A 29 7.23 26.08 7.45
N LEU A 30 6.73 27.31 7.32
CA LEU A 30 6.18 28.07 8.44
C LEU A 30 4.65 27.99 8.35
N VAL A 31 4.04 27.31 9.31
CA VAL A 31 2.59 27.15 9.36
C VAL A 31 2.09 27.72 10.68
N GLY A 32 1.01 28.49 10.61
CA GLY A 32 0.44 29.09 11.79
C GLY A 32 -0.34 28.10 12.64
N GLU A 33 -0.62 28.53 13.86
CA GLU A 33 -1.33 27.67 14.80
C GLU A 33 -2.75 27.39 14.33
N TYR A 34 -3.22 26.18 14.59
CA TYR A 34 -4.60 25.75 14.39
C TYR A 34 -4.90 25.29 12.96
N SER A 35 -4.12 25.78 11.99
CA SER A 35 -4.23 25.23 10.63
C SER A 35 -4.11 23.72 10.70
N TYR A 36 -4.99 23.02 9.99
CA TYR A 36 -4.98 21.56 10.02
C TYR A 36 -4.96 20.98 8.61
N TYR A 37 -4.47 19.74 8.53
CA TYR A 37 -4.48 18.95 7.31
C TYR A 37 -5.29 17.69 7.58
N ASP A 38 -6.45 17.56 6.93
CA ASP A 38 -7.26 16.35 7.03
C ASP A 38 -6.67 15.35 6.03
N SER A 39 -5.79 14.49 6.52
CA SER A 39 -5.05 13.61 5.64
C SER A 39 -5.92 12.44 5.17
N LYS A 40 -5.47 11.76 4.12
CA LYS A 40 -6.17 10.62 3.48
C LYS A 40 -5.88 9.32 4.22
N ARG A 41 -4.61 8.90 4.29
CA ARG A 41 -4.17 7.62 4.90
C ARG A 41 -3.33 7.85 6.15
N GLY A 42 -3.37 9.05 6.75
CA GLY A 42 -2.59 9.35 7.97
C GLY A 42 -1.20 9.85 7.68
N GLU A 43 -0.91 10.19 6.42
CA GLU A 43 0.42 10.67 5.96
C GLU A 43 0.70 12.09 6.49
N SER A 44 1.99 12.46 6.53
CA SER A 44 2.44 13.76 6.99
C SER A 44 1.96 14.87 6.04
N PHE A 45 1.86 16.08 6.58
CA PHE A 45 1.61 17.23 5.71
C PHE A 45 2.82 17.52 4.87
N GLU A 46 4.02 17.34 5.43
CA GLU A 46 5.25 17.51 4.67
C GLU A 46 5.28 16.59 3.45
N ASP A 47 4.72 15.39 3.57
CA ASP A 47 4.67 14.47 2.43
C ASP A 47 3.98 15.10 1.22
N GLN A 48 3.11 16.09 1.44
CA GLN A 48 2.42 16.77 0.36
C GLN A 48 3.24 17.91 -0.24
N VAL A 49 4.35 18.28 0.39
CA VAL A 49 5.24 19.32 -0.12
C VAL A 49 6.24 18.64 -1.03
N LEU A 50 6.17 18.94 -2.33
CA LEU A 50 6.97 18.23 -3.32
C LEU A 50 8.00 19.15 -3.96
N TYR A 51 9.12 18.54 -4.38
CA TYR A 51 10.23 19.25 -5.02
C TYR A 51 10.75 20.37 -4.14
N HIS A 52 10.67 20.19 -2.82
CA HIS A 52 11.17 21.15 -1.85
C HIS A 52 12.63 20.81 -1.54
N TYR A 53 13.54 21.71 -1.91
CA TYR A 53 14.97 21.48 -1.77
C TYR A 53 15.59 22.64 -1.00
N GLU A 54 16.56 22.31 -0.13
CA GLU A 54 17.18 23.36 0.68
C GLU A 54 18.06 24.27 -0.16
N VAL A 55 18.61 23.78 -1.27
CA VAL A 55 19.50 24.64 -2.07
C VAL A 55 18.72 25.72 -2.80
N ILE A 56 17.44 25.47 -3.09
CA ILE A 56 16.62 26.51 -3.70
C ILE A 56 16.32 27.59 -2.69
N GLY A 57 16.04 27.20 -1.44
CA GLY A 57 15.81 28.14 -0.38
C GLY A 57 14.40 28.69 -0.32
N ASP A 58 13.50 28.19 -1.15
CA ASP A 58 12.12 28.69 -1.15
C ASP A 58 11.36 28.10 0.02
N LYS A 59 10.43 28.89 0.56
CA LYS A 59 9.69 28.54 1.75
C LYS A 59 8.21 28.39 1.44
N LEU A 60 7.54 27.56 2.22
CA LEU A 60 6.08 27.44 2.21
C LEU A 60 5.56 28.06 3.50
N ILE A 61 4.70 29.06 3.37
CA ILE A 61 4.18 29.80 4.51
C ILE A 61 2.66 29.65 4.51
N ILE A 62 2.11 29.29 5.67
CA ILE A 62 0.68 29.14 5.86
C ILE A 62 0.29 29.85 7.15
N GLY A 63 -0.83 30.55 7.13
CA GLY A 63 -1.28 31.33 8.26
C GLY A 63 -2.01 30.50 9.30
N ARG A 64 -2.80 31.20 10.11
CA ARG A 64 -3.51 30.56 11.20
C ARG A 64 -4.92 30.18 10.77
N PHE A 65 -5.44 29.12 11.39
CA PHE A 65 -6.84 28.74 11.24
C PHE A 65 -7.18 28.37 9.80
N CYS A 66 -6.30 27.62 9.15
CA CYS A 66 -6.50 27.20 7.77
C CYS A 66 -6.98 25.76 7.72
N SER A 67 -7.85 25.48 6.75
CA SER A 67 -8.37 24.14 6.49
C SER A 67 -7.75 23.65 5.19
N ILE A 68 -6.86 22.66 5.29
CA ILE A 68 -6.17 22.08 4.14
C ILE A 68 -6.77 20.71 3.89
N GLY A 69 -7.44 20.57 2.75
CA GLY A 69 -8.16 19.36 2.41
C GLY A 69 -7.24 18.21 2.04
N PRO A 70 -7.74 16.99 2.21
CA PRO A 70 -6.90 15.82 1.94
C PRO A 70 -6.37 15.80 0.51
N GLY A 71 -5.12 15.43 0.37
CA GLY A 71 -4.50 15.33 -0.94
C GLY A 71 -4.06 16.65 -1.53
N THR A 72 -4.16 17.74 -0.79
CA THR A 72 -3.63 19.01 -1.27
C THR A 72 -2.14 18.87 -1.51
N THR A 73 -1.68 19.35 -2.65
CA THR A 73 -0.29 19.22 -3.05
C THR A 73 0.33 20.60 -3.25
N PHE A 74 1.53 20.76 -2.73
CA PHE A 74 2.33 21.97 -2.89
C PHE A 74 3.54 21.61 -3.74
N ILE A 75 3.60 22.16 -4.94
CA ILE A 75 4.74 21.97 -5.84
C ILE A 75 5.64 23.18 -5.66
N MET A 76 6.80 22.96 -5.05
CA MET A 76 7.73 24.03 -4.78
C MET A 76 8.56 24.35 -6.03
N ASN A 77 9.47 25.31 -5.88
CA ASN A 77 10.18 25.84 -7.05
C ASN A 77 11.20 24.87 -7.61
N GLY A 78 11.64 23.90 -6.84
CA GLY A 78 12.55 22.89 -7.36
C GLY A 78 11.98 22.03 -8.47
N ALA A 79 10.75 22.29 -8.90
CA ALA A 79 10.10 21.44 -9.89
C ALA A 79 10.27 21.94 -11.31
N ASN A 80 10.61 23.21 -11.51
CA ASN A 80 10.67 23.78 -12.84
C ASN A 80 12.04 23.55 -13.46
N HIS A 81 12.06 23.04 -14.68
CA HIS A 81 13.29 22.78 -15.40
C HIS A 81 13.88 24.08 -15.95
N ARG A 82 15.15 24.00 -16.36
CA ARG A 82 15.77 25.10 -17.11
C ARG A 82 15.12 25.22 -18.48
N MET A 83 14.68 26.41 -18.89
CA MET A 83 13.97 26.59 -20.17
C MET A 83 14.74 27.50 -21.13
N ASP A 84 16.02 27.77 -20.87
CA ASP A 84 16.87 28.64 -21.73
C ASP A 84 16.95 28.00 -23.12
N GLY A 85 17.17 26.68 -23.19
CA GLY A 85 17.28 25.95 -24.47
C GLY A 85 16.57 24.61 -24.44
N SER A 86 17.10 23.64 -23.68
CA SER A 86 16.57 22.26 -23.57
C SER A 86 16.09 21.99 -22.14
N THR A 87 14.84 21.54 -21.94
CA THR A 87 14.32 21.26 -20.61
C THR A 87 14.95 20.05 -19.94
N TYR A 88 15.57 19.16 -20.72
CA TYR A 88 16.07 17.91 -20.19
C TYR A 88 17.14 18.18 -19.13
N PRO A 89 17.10 17.47 -17.98
CA PRO A 89 18.12 17.69 -16.94
C PRO A 89 19.29 16.71 -17.01
N PHE A 90 20.28 17.02 -17.84
CA PHE A 90 21.33 16.04 -18.12
C PHE A 90 22.12 15.70 -16.86
N HIS A 91 22.38 16.69 -16.01
CA HIS A 91 23.33 16.52 -14.92
C HIS A 91 22.88 15.45 -13.92
N LEU A 92 21.57 15.25 -13.77
CA LEU A 92 21.10 14.29 -12.77
C LEU A 92 21.70 12.91 -12.98
N PHE A 93 22.00 12.57 -14.23
CA PHE A 93 22.48 11.25 -14.60
C PHE A 93 24.00 11.14 -14.60
N ARG A 94 24.71 12.21 -14.22
CA ARG A 94 26.19 12.23 -14.02
C ARG A 94 26.92 11.45 -15.14
N MET A 95 27.92 10.57 -14.90
CA MET A 95 28.67 9.86 -15.98
C MET A 95 29.20 10.86 -17.02
N GLY A 96 29.74 11.99 -16.57
CA GLY A 96 30.23 13.06 -17.44
C GLY A 96 29.27 14.24 -17.52
N TRP A 97 27.96 14.04 -17.38
CA TRP A 97 27.00 15.13 -17.54
C TRP A 97 26.86 15.98 -16.29
N GLU A 98 27.43 15.57 -15.15
CA GLU A 98 27.32 16.39 -13.95
C GLU A 98 27.99 17.74 -14.12
N LYS A 99 28.88 17.88 -15.11
CA LYS A 99 29.57 19.15 -15.30
C LYS A 99 28.59 20.25 -15.71
N TYR A 100 27.54 19.90 -16.46
CA TYR A 100 26.57 20.89 -16.94
C TYR A 100 25.49 21.13 -15.88
N MET A 101 25.93 21.56 -14.69
CA MET A 101 25.08 21.80 -13.50
C MET A 101 24.52 23.22 -13.53
N PRO A 102 23.18 23.44 -13.49
CA PRO A 102 22.62 24.80 -13.47
C PRO A 102 22.66 25.44 -12.07
N SER A 103 22.78 26.77 -12.02
CA SER A 103 22.79 27.60 -10.79
C SER A 103 21.35 28.04 -10.45
N LEU A 104 21.14 28.70 -9.31
CA LEU A 104 19.80 29.19 -8.87
C LEU A 104 19.29 30.22 -9.88
N LYS A 105 20.20 31.01 -10.45
CA LYS A 105 19.92 32.08 -11.44
C LYS A 105 19.60 31.51 -12.81
N ASP A 106 19.94 30.26 -13.11
CA ASP A 106 19.70 29.61 -14.42
C ASP A 106 18.26 29.06 -14.48
N LEU A 107 17.73 28.63 -13.33
CA LEU A 107 16.37 28.05 -13.20
C LEU A 107 15.33 29.17 -13.14
N PRO A 108 14.06 28.95 -13.56
CA PRO A 108 13.05 29.98 -13.45
C PRO A 108 12.45 29.88 -12.05
N LEU A 109 12.92 30.71 -11.12
CA LEU A 109 12.47 30.72 -9.70
C LEU A 109 11.41 31.82 -9.54
N LYS A 110 10.25 31.49 -8.96
CA LYS A 110 9.07 32.35 -8.77
C LYS A 110 8.88 32.74 -7.30
N GLY A 111 9.61 32.17 -6.32
CA GLY A 111 9.43 32.66 -4.97
C GLY A 111 8.59 31.75 -4.09
N ASP A 112 8.40 32.22 -2.87
CA ASP A 112 7.73 31.41 -1.86
C ASP A 112 6.25 31.23 -2.19
N ILE A 113 5.69 30.12 -1.71
CA ILE A 113 4.25 29.95 -1.62
C ILE A 113 3.81 30.51 -0.27
N GLU A 114 2.93 31.50 -0.29
CA GLU A 114 2.48 32.18 0.93
C GLU A 114 0.97 32.10 0.98
N ILE A 115 0.44 31.35 1.94
CA ILE A 115 -1.00 31.21 2.15
C ILE A 115 -1.38 31.98 3.40
N GLY A 116 -2.54 32.63 3.36
CA GLY A 116 -2.99 33.49 4.44
C GLY A 116 -3.68 32.74 5.55
N ASN A 117 -4.35 33.50 6.40
CA ASN A 117 -5.07 32.96 7.54
C ASN A 117 -6.53 32.71 7.20
N ASP A 118 -7.12 31.74 7.89
CA ASP A 118 -8.53 31.43 7.73
C ASP A 118 -8.85 31.02 6.29
N VAL A 119 -7.93 30.34 5.63
CA VAL A 119 -8.12 29.90 4.26
C VAL A 119 -8.68 28.48 4.24
N TRP A 120 -9.68 28.26 3.41
CA TRP A 120 -10.29 26.94 3.22
C TRP A 120 -9.82 26.42 1.86
N ILE A 121 -8.92 25.44 1.90
CA ILE A 121 -8.39 24.83 0.68
C ILE A 121 -9.07 23.49 0.48
N GLY A 122 -9.54 23.25 -0.73
CA GLY A 122 -10.32 22.07 -1.02
C GLY A 122 -9.49 20.80 -1.07
N ARG A 123 -10.18 19.71 -1.41
CA ARG A 123 -9.57 18.40 -1.52
C ARG A 123 -8.90 18.25 -2.89
N ASP A 124 -7.74 17.59 -2.90
CA ASP A 124 -6.98 17.34 -4.12
C ASP A 124 -6.67 18.65 -4.84
N VAL A 125 -6.35 19.68 -4.10
CA VAL A 125 -5.90 20.94 -4.67
C VAL A 125 -4.40 20.87 -4.89
N THR A 126 -3.94 21.40 -6.01
CA THR A 126 -2.52 21.51 -6.31
C THR A 126 -2.18 23.00 -6.38
N ILE A 127 -1.15 23.41 -5.63
CA ILE A 127 -0.71 24.79 -5.57
C ILE A 127 0.62 24.88 -6.30
N MET A 128 0.68 25.77 -7.30
CA MET A 128 1.86 25.94 -8.11
C MET A 128 2.89 26.80 -7.39
N PRO A 129 4.14 26.79 -7.84
CA PRO A 129 5.18 27.54 -7.11
C PRO A 129 4.98 29.04 -7.23
N GLY A 130 5.25 29.74 -6.13
CA GLY A 130 5.27 31.19 -6.13
C GLY A 130 3.93 31.86 -6.07
N VAL A 131 2.85 31.14 -5.82
CA VAL A 131 1.52 31.74 -5.78
C VAL A 131 1.21 32.20 -4.37
N LYS A 132 0.52 33.33 -4.27
CA LYS A 132 0.11 33.91 -2.99
C LYS A 132 -1.40 33.83 -2.87
N ILE A 133 -1.88 33.38 -1.72
CA ILE A 133 -3.29 33.20 -1.45
C ILE A 133 -3.66 34.06 -0.24
N GLY A 134 -4.51 35.06 -0.47
CA GLY A 134 -4.85 36.00 0.57
C GLY A 134 -5.71 35.40 1.68
N ASP A 135 -5.90 36.21 2.73
CA ASP A 135 -6.65 35.77 3.89
C ASP A 135 -8.10 35.46 3.53
N GLY A 136 -8.64 34.41 4.14
CA GLY A 136 -10.05 34.14 4.06
C GLY A 136 -10.56 33.71 2.70
N ALA A 137 -9.69 33.20 1.84
CA ALA A 137 -10.10 32.75 0.53
C ALA A 137 -10.58 31.30 0.58
N ILE A 138 -11.30 30.90 -0.46
CA ILE A 138 -11.80 29.54 -0.60
C ILE A 138 -11.26 28.99 -1.92
N ILE A 139 -10.62 27.82 -1.86
CA ILE A 139 -10.17 27.11 -3.04
C ILE A 139 -11.07 25.90 -3.22
N ALA A 140 -11.85 25.89 -4.30
CA ALA A 140 -12.69 24.75 -4.60
C ALA A 140 -11.84 23.48 -4.70
N ALA A 141 -12.49 22.34 -4.44
CA ALA A 141 -11.81 21.07 -4.57
C ALA A 141 -11.36 20.85 -6.01
N GLU A 142 -10.26 20.11 -6.16
CA GLU A 142 -9.66 19.74 -7.44
C GLU A 142 -8.99 20.92 -8.13
N ALA A 143 -8.96 22.10 -7.53
CA ALA A 143 -8.42 23.27 -8.19
C ALA A 143 -6.90 23.14 -8.35
N VAL A 144 -6.39 23.87 -9.33
CA VAL A 144 -4.95 23.98 -9.61
C VAL A 144 -4.60 25.46 -9.54
N VAL A 145 -3.97 25.88 -8.44
CA VAL A 145 -3.74 27.30 -8.21
C VAL A 145 -2.53 27.77 -8.99
N THR A 146 -2.76 28.32 -10.19
CA THR A 146 -1.70 28.75 -11.08
C THR A 146 -1.41 30.24 -10.99
N LYS A 147 -2.09 30.95 -10.09
CA LYS A 147 -1.90 32.39 -9.95
C LYS A 147 -2.43 32.79 -8.59
N ASN A 148 -2.15 34.04 -8.20
CA ASN A 148 -2.51 34.50 -6.87
C ASN A 148 -4.02 34.58 -6.71
N VAL A 149 -4.46 34.46 -5.46
CA VAL A 149 -5.88 34.52 -5.10
C VAL A 149 -6.05 35.69 -4.13
N ALA A 150 -6.92 36.63 -4.49
CA ALA A 150 -7.16 37.79 -3.65
C ALA A 150 -7.85 37.37 -2.36
N PRO A 151 -7.68 38.16 -1.29
CA PRO A 151 -8.34 37.81 -0.03
C PRO A 151 -9.85 37.72 -0.18
N TYR A 152 -10.43 36.69 0.46
CA TYR A 152 -11.88 36.49 0.48
C TYR A 152 -12.45 36.27 -0.90
N SER A 153 -11.69 35.57 -1.74
CA SER A 153 -12.12 35.16 -3.06
C SER A 153 -12.49 33.69 -3.06
N ILE A 154 -13.49 33.34 -3.86
CA ILE A 154 -13.82 31.96 -4.16
C ILE A 154 -13.28 31.66 -5.55
N VAL A 155 -12.43 30.64 -5.66
CA VAL A 155 -11.78 30.29 -6.92
C VAL A 155 -11.75 28.77 -7.07
N GLY A 156 -11.48 28.33 -8.29
CA GLY A 156 -11.39 26.90 -8.57
C GLY A 156 -11.14 26.68 -10.05
N GLY A 157 -10.82 25.44 -10.38
CA GLY A 157 -10.62 25.06 -11.76
C GLY A 157 -9.15 24.90 -12.13
N ASN A 158 -8.94 24.54 -13.39
CA ASN A 158 -7.59 24.26 -13.90
C ASN A 158 -7.54 24.66 -15.37
N PRO A 159 -6.89 25.80 -15.70
CA PRO A 159 -6.25 26.73 -14.77
C PRO A 159 -7.25 27.41 -13.83
N LEU A 160 -6.74 28.01 -12.76
CA LEU A 160 -7.60 28.66 -11.79
C LEU A 160 -8.40 29.79 -12.44
N LYS A 161 -9.69 29.84 -12.14
CA LYS A 161 -10.57 30.87 -12.69
C LYS A 161 -11.40 31.44 -11.55
N PHE A 162 -11.48 32.77 -11.50
CA PHE A 162 -12.14 33.49 -10.42
C PHE A 162 -13.66 33.31 -10.52
N ILE A 163 -14.27 33.01 -9.38
CA ILE A 163 -15.71 32.72 -9.32
C ILE A 163 -16.45 33.94 -8.80
N ARG A 164 -16.15 34.35 -7.57
CA ARG A 164 -16.81 35.52 -6.98
C ARG A 164 -16.12 35.88 -5.67
N LYS A 165 -16.45 37.07 -5.16
CA LYS A 165 -15.97 37.52 -3.86
C LYS A 165 -17.01 37.19 -2.79
N ARG A 166 -16.52 36.81 -1.61
CA ARG A 166 -17.42 36.36 -0.55
C ARG A 166 -18.28 37.50 -0.02
N PHE A 167 -17.71 38.69 0.11
CA PHE A 167 -18.41 39.86 0.62
C PHE A 167 -18.10 41.06 -0.27
N SER A 168 -18.70 42.21 0.05
CA SER A 168 -18.43 43.42 -0.70
C SER A 168 -17.01 43.93 -0.40
N ASP A 169 -16.48 44.72 -1.32
CA ASP A 169 -15.13 45.25 -1.16
C ASP A 169 -14.97 45.92 0.20
N GLY A 170 -15.96 46.73 0.61
CA GLY A 170 -15.88 47.39 1.89
C GLY A 170 -15.82 46.41 3.04
N VAL A 171 -16.72 45.42 3.03
CA VAL A 171 -16.75 44.45 4.12
C VAL A 171 -15.46 43.64 4.15
N ILE A 172 -14.82 43.45 2.98
CA ILE A 172 -13.63 42.62 2.95
C ILE A 172 -12.49 43.32 3.70
N GLU A 173 -12.44 44.64 3.67
CA GLU A 173 -11.38 45.38 4.36
C GLU A 173 -11.72 45.64 5.82
N GLU A 174 -13.00 45.58 6.19
CA GLU A 174 -13.33 45.51 7.61
C GLU A 174 -12.80 44.22 8.22
N TRP A 175 -12.71 43.15 7.43
CA TRP A 175 -12.16 41.89 7.92
C TRP A 175 -10.64 41.92 7.95
N LEU A 176 -10.01 42.50 6.92
CA LEU A 176 -8.55 42.49 6.84
C LEU A 176 -7.92 43.46 7.83
N ALA A 177 -8.64 44.49 8.25
CA ALA A 177 -8.15 45.35 9.34
C ALA A 177 -8.32 44.68 10.68
N LEU A 178 -9.47 44.03 10.90
CA LEU A 178 -9.74 43.37 12.18
C LEU A 178 -8.66 42.35 12.50
N GLN A 179 -8.34 41.48 11.55
CA GLN A 179 -7.38 40.40 11.74
C GLN A 179 -7.68 39.62 13.01
N TRP A 180 -8.87 39.02 13.05
CA TRP A 180 -9.27 38.29 14.25
C TRP A 180 -8.28 37.17 14.57
N TRP A 181 -7.61 36.63 13.55
CA TRP A 181 -6.67 35.52 13.78
C TRP A 181 -5.42 35.98 14.51
N ASN A 182 -5.10 37.27 14.47
CA ASN A 182 -3.90 37.79 15.13
C ASN A 182 -4.20 38.35 16.52
N LEU A 183 -5.41 38.14 17.03
CA LEU A 183 -5.77 38.63 18.35
C LEU A 183 -5.47 37.56 19.40
N ASP A 184 -5.34 38.02 20.65
CA ASP A 184 -5.10 37.11 21.75
C ASP A 184 -6.19 36.04 21.78
N MET A 185 -5.80 34.82 22.15
CA MET A 185 -6.74 33.70 22.09
C MET A 185 -7.95 33.94 22.98
N LYS A 186 -7.79 34.69 24.07
CA LYS A 186 -8.93 34.96 24.94
C LYS A 186 -9.87 35.96 24.32
N ILE A 187 -9.36 36.86 23.48
CA ILE A 187 -10.23 37.77 22.73
C ILE A 187 -10.97 36.99 21.65
N ILE A 188 -10.28 36.04 21.01
CA ILE A 188 -10.94 35.21 20.00
C ILE A 188 -12.04 34.38 20.63
N ASN A 189 -11.76 33.77 21.78
CA ASN A 189 -12.73 32.89 22.41
C ASN A 189 -14.00 33.65 22.81
N GLU A 190 -13.85 34.91 23.22
CA GLU A 190 -15.00 35.69 23.64
C GLU A 190 -15.85 36.17 22.47
N ASN A 191 -15.30 36.17 21.25
CA ASN A 191 -16.02 36.68 20.08
C ASN A 191 -16.22 35.61 19.01
N LEU A 192 -15.96 34.35 19.32
CA LEU A 192 -16.16 33.30 18.34
C LEU A 192 -17.56 33.30 17.73
N PRO A 193 -18.64 33.57 18.49
CA PRO A 193 -19.96 33.56 17.84
C PRO A 193 -20.06 34.48 16.64
N PHE A 194 -19.51 35.69 16.74
CA PHE A 194 -19.57 36.64 15.63
C PHE A 194 -18.53 36.35 14.57
N ILE A 195 -17.36 35.82 14.96
CA ILE A 195 -16.38 35.39 13.97
C ILE A 195 -16.96 34.30 13.09
N ILE A 196 -17.69 33.36 13.70
CA ILE A 196 -18.30 32.26 12.97
C ILE A 196 -19.55 32.74 12.24
N ASN A 197 -20.40 33.53 12.91
CA ASN A 197 -21.62 34.02 12.29
C ASN A 197 -21.36 35.13 11.28
N GLY A 198 -20.14 35.64 11.20
CA GLY A 198 -19.78 36.63 10.22
C GLY A 198 -20.18 38.06 10.57
N ASP A 199 -20.66 38.29 11.79
CA ASP A 199 -21.06 39.64 12.16
C ASP A 199 -19.85 40.56 12.23
N ILE A 200 -19.47 41.14 11.08
CA ILE A 200 -18.31 42.00 11.02
C ILE A 200 -18.58 43.30 11.77
N GLU A 201 -19.80 43.83 11.68
CA GLU A 201 -20.10 45.10 12.35
C GLU A 201 -19.99 44.96 13.86
N MET A 202 -20.37 43.80 14.41
CA MET A 202 -20.22 43.57 15.84
C MET A 202 -18.75 43.57 16.24
N LEU A 203 -17.94 42.76 15.55
CA LEU A 203 -16.50 42.75 15.83
C LEU A 203 -15.90 44.13 15.62
N LYS A 204 -16.28 44.80 14.53
CA LYS A 204 -15.83 46.17 14.29
C LYS A 204 -16.06 47.05 15.51
N ARG A 205 -17.27 47.00 16.07
CA ARG A 205 -17.63 47.84 17.22
C ARG A 205 -17.21 47.22 18.55
N LYS A 206 -16.49 46.10 18.54
CA LYS A 206 -15.98 45.50 19.77
C LYS A 206 -14.47 45.68 19.85
N HIS B 1 -31.71 -14.37 -19.43
CA HIS B 1 -30.40 -14.30 -20.07
C HIS B 1 -29.80 -12.90 -19.95
N GLY B 2 -28.49 -12.87 -19.68
CA GLY B 2 -27.83 -11.67 -19.25
C GLY B 2 -27.23 -11.89 -17.88
N PRO B 3 -26.30 -11.03 -17.45
CA PRO B 3 -25.71 -11.18 -16.11
C PRO B 3 -26.76 -10.95 -15.03
N ASP B 4 -26.49 -11.53 -13.86
CA ASP B 4 -27.37 -11.37 -12.71
C ASP B 4 -27.04 -10.06 -11.99
N PRO B 5 -27.94 -9.10 -11.92
CA PRO B 5 -27.58 -7.79 -11.35
C PRO B 5 -27.23 -7.82 -9.87
N GLU B 6 -27.62 -8.87 -9.13
CA GLU B 6 -27.23 -8.99 -7.73
C GLU B 6 -25.87 -9.68 -7.57
N ASN B 7 -25.14 -9.89 -8.67
CA ASN B 7 -23.83 -10.52 -8.66
C ASN B 7 -22.76 -9.44 -8.57
N ILE B 8 -21.91 -9.53 -7.54
CA ILE B 8 -20.98 -8.43 -7.25
C ILE B 8 -19.87 -8.37 -8.31
N LEU B 9 -19.37 -9.54 -8.74
CA LEU B 9 -18.25 -9.61 -9.69
C LEU B 9 -18.75 -10.32 -10.94
N PRO B 10 -19.44 -9.61 -11.83
CA PRO B 10 -20.14 -10.27 -12.95
C PRO B 10 -19.25 -10.68 -14.10
N ILE B 11 -17.94 -10.50 -14.02
CA ILE B 11 -17.01 -10.91 -15.07
C ILE B 11 -16.07 -11.93 -14.46
N LYS B 12 -16.14 -13.17 -14.92
CA LYS B 12 -15.31 -14.23 -14.37
C LYS B 12 -13.84 -13.85 -14.50
N GLY B 13 -13.09 -14.06 -13.43
CA GLY B 13 -11.68 -13.73 -13.39
C GLY B 13 -11.37 -12.27 -13.15
N ASN B 14 -12.38 -11.40 -13.12
CA ASN B 14 -12.20 -9.96 -12.95
C ASN B 14 -12.63 -9.62 -11.53
N ARG B 15 -11.66 -9.24 -10.70
CA ARG B 15 -11.93 -8.84 -9.33
C ARG B 15 -12.12 -7.34 -9.17
N ASN B 16 -11.98 -6.58 -10.24
CA ASN B 16 -12.06 -5.13 -10.17
C ASN B 16 -13.44 -4.60 -10.55
N LEU B 17 -14.00 -5.04 -11.66
CA LEU B 17 -15.29 -4.52 -12.10
C LEU B 17 -16.40 -5.09 -11.21
N GLN B 18 -17.19 -4.21 -10.61
CA GLN B 18 -18.23 -4.63 -9.68
C GLN B 18 -19.56 -4.01 -10.06
N PHE B 19 -20.61 -4.82 -10.07
CA PHE B 19 -21.96 -4.28 -10.02
C PHE B 19 -22.16 -3.55 -8.71
N ILE B 20 -22.61 -2.29 -8.78
CA ILE B 20 -22.59 -1.42 -7.60
C ILE B 20 -23.67 -1.83 -6.62
N LYS B 21 -24.91 -1.94 -7.09
CA LYS B 21 -26.04 -2.11 -6.19
C LYS B 21 -25.87 -3.23 -5.18
N PRO B 22 -25.37 -4.43 -5.54
CA PRO B 22 -25.26 -5.50 -4.55
C PRO B 22 -24.13 -5.30 -3.54
N THR B 23 -23.30 -4.28 -3.70
CA THR B 23 -22.26 -3.97 -2.73
C THR B 23 -22.68 -2.91 -1.73
N ILE B 24 -23.84 -2.30 -1.90
CA ILE B 24 -24.26 -1.10 -1.12
C ILE B 24 -24.81 -1.45 0.26
N THR B 25 -24.10 -1.14 1.34
CA THR B 25 -24.50 -1.45 2.74
C THR B 25 -25.02 -0.21 3.48
N ASN B 26 -24.95 0.98 2.88
CA ASN B 26 -25.36 2.23 3.56
C ASN B 26 -26.61 2.82 2.88
N GLU B 27 -27.68 3.12 3.64
CA GLU B 27 -28.91 3.76 3.12
C GLU B 27 -28.57 5.23 2.84
N ASN B 28 -29.27 5.85 1.86
CA ASN B 28 -29.13 7.20 1.22
C ASN B 28 -28.22 7.12 -0.01
N ILE B 29 -27.79 5.91 -0.42
CA ILE B 29 -27.00 5.67 -1.67
C ILE B 29 -27.85 4.68 -2.46
N LEU B 30 -28.64 5.12 -3.45
CA LEU B 30 -29.53 4.19 -4.16
C LEU B 30 -29.06 4.10 -5.61
N VAL B 31 -28.51 2.96 -6.04
CA VAL B 31 -27.94 2.78 -7.39
C VAL B 31 -28.74 1.71 -8.09
N GLY B 32 -29.14 1.84 -9.39
CA GLY B 32 -29.92 0.91 -10.18
C GLY B 32 -29.14 -0.33 -10.58
N GLU B 33 -29.89 -1.34 -10.99
CA GLU B 33 -29.30 -2.59 -11.43
C GLU B 33 -28.43 -2.38 -12.66
N TYR B 34 -27.41 -3.20 -12.78
CA TYR B 34 -26.47 -3.26 -13.90
C TYR B 34 -25.53 -2.06 -13.96
N SER B 35 -25.63 -1.11 -13.05
CA SER B 35 -24.69 -0.01 -12.98
C SER B 35 -23.43 -0.48 -12.26
N TYR B 36 -22.29 -0.39 -12.94
CA TYR B 36 -21.06 -0.98 -12.43
C TYR B 36 -19.99 0.07 -12.17
N TYR B 37 -18.98 -0.33 -11.41
CA TYR B 37 -17.80 0.48 -11.03
C TYR B 37 -16.54 -0.29 -11.42
N ASP B 38 -15.71 0.25 -12.33
CA ASP B 38 -14.43 -0.40 -12.69
C ASP B 38 -13.42 0.14 -11.68
N SER B 39 -13.20 -0.60 -10.58
CA SER B 39 -12.28 -0.19 -9.49
C SER B 39 -10.83 -0.31 -9.98
N LYS B 40 -9.94 0.51 -9.42
CA LYS B 40 -8.50 0.52 -9.77
C LYS B 40 -7.81 -0.66 -9.08
N ARG B 41 -8.09 -0.88 -7.80
CA ARG B 41 -7.43 -1.93 -6.99
C ARG B 41 -8.44 -2.77 -6.18
N GLY B 42 -9.67 -2.93 -6.67
CA GLY B 42 -10.69 -3.75 -5.99
C GLY B 42 -11.40 -3.01 -4.88
N GLU B 43 -11.22 -1.68 -4.78
CA GLU B 43 -11.87 -0.86 -3.72
C GLU B 43 -13.39 -0.81 -3.98
N SER B 44 -14.17 -0.72 -2.90
CA SER B 44 -15.66 -0.70 -2.92
C SER B 44 -16.17 0.64 -3.45
N PHE B 45 -17.27 0.66 -4.20
CA PHE B 45 -17.84 1.89 -4.73
C PHE B 45 -18.13 2.88 -3.61
N GLU B 46 -18.64 2.39 -2.48
CA GLU B 46 -18.93 3.28 -1.36
C GLU B 46 -17.72 4.13 -1.00
N ASP B 47 -16.54 3.50 -0.97
CA ASP B 47 -15.33 4.21 -0.57
C ASP B 47 -15.07 5.45 -1.41
N GLN B 48 -15.72 5.56 -2.56
CA GLN B 48 -15.62 6.73 -3.42
C GLN B 48 -16.62 7.81 -3.06
N VAL B 49 -17.52 7.55 -2.12
CA VAL B 49 -18.54 8.50 -1.70
C VAL B 49 -18.03 9.16 -0.42
N LEU B 50 -17.64 10.43 -0.52
CA LEU B 50 -16.92 11.11 0.54
C LEU B 50 -17.80 12.17 1.21
N TYR B 51 -17.50 12.44 2.48
CA TYR B 51 -18.21 13.46 3.25
C TYR B 51 -19.70 13.18 3.29
N HIS B 52 -20.05 11.90 3.44
CA HIS B 52 -21.43 11.43 3.42
C HIS B 52 -21.84 11.08 4.84
N TYR B 53 -22.55 11.99 5.50
CA TYR B 53 -22.97 11.83 6.88
C TYR B 53 -24.48 11.70 6.95
N GLU B 54 -24.96 10.81 7.81
CA GLU B 54 -26.40 10.64 7.97
C GLU B 54 -27.05 11.88 8.55
N VAL B 55 -26.32 12.63 9.38
CA VAL B 55 -26.92 13.78 10.05
C VAL B 55 -27.43 14.80 9.04
N ILE B 56 -26.83 14.83 7.85
CA ILE B 56 -27.22 15.80 6.84
C ILE B 56 -28.37 15.29 5.98
N GLY B 57 -28.39 13.99 5.70
CA GLY B 57 -29.53 13.37 5.08
C GLY B 57 -29.57 13.42 3.57
N ASP B 58 -28.47 13.79 2.92
CA ASP B 58 -28.47 13.82 1.46
C ASP B 58 -28.20 12.41 0.91
N LYS B 59 -28.59 12.22 -0.35
CA LYS B 59 -28.54 10.91 -0.97
C LYS B 59 -27.75 10.98 -2.27
N LEU B 60 -27.16 9.85 -2.63
CA LEU B 60 -26.54 9.67 -3.94
C LEU B 60 -27.38 8.64 -4.68
N ILE B 61 -28.08 9.08 -5.72
CA ILE B 61 -28.92 8.20 -6.52
C ILE B 61 -28.29 8.04 -7.89
N ILE B 62 -28.22 6.80 -8.37
CA ILE B 62 -27.67 6.49 -9.67
C ILE B 62 -28.63 5.53 -10.35
N GLY B 63 -28.86 5.74 -11.64
CA GLY B 63 -29.80 4.93 -12.38
C GLY B 63 -29.21 3.58 -12.77
N ARG B 64 -29.90 2.94 -13.71
CA ARG B 64 -29.47 1.64 -14.20
C ARG B 64 -28.62 1.80 -15.44
N PHE B 65 -27.80 0.79 -15.69
CA PHE B 65 -26.98 0.71 -16.90
C PHE B 65 -25.99 1.88 -17.02
N CYS B 66 -25.48 2.34 -15.89
CA CYS B 66 -24.44 3.36 -15.87
C CYS B 66 -23.08 2.69 -15.73
N SER B 67 -22.07 3.30 -16.33
CA SER B 67 -20.67 2.88 -16.19
C SER B 67 -19.93 3.95 -15.40
N ILE B 68 -19.38 3.56 -14.25
CA ILE B 68 -18.65 4.48 -13.38
C ILE B 68 -17.16 4.16 -13.54
N GLY B 69 -16.43 5.09 -14.16
CA GLY B 69 -15.02 4.93 -14.40
C GLY B 69 -14.24 4.76 -13.11
N PRO B 70 -13.08 4.10 -13.20
CA PRO B 70 -12.24 3.94 -12.01
C PRO B 70 -11.82 5.28 -11.44
N GLY B 71 -11.88 5.39 -10.11
CA GLY B 71 -11.43 6.56 -9.42
C GLY B 71 -12.43 7.68 -9.30
N THR B 72 -13.61 7.55 -9.91
CA THR B 72 -14.61 8.60 -9.80
C THR B 72 -15.05 8.76 -8.35
N THR B 73 -15.04 10.01 -7.88
CA THR B 73 -15.33 10.34 -6.50
C THR B 73 -16.59 11.20 -6.44
N PHE B 74 -17.39 11.02 -5.38
CA PHE B 74 -18.61 11.78 -5.17
C PHE B 74 -18.45 12.59 -3.89
N ILE B 75 -18.43 13.91 -4.01
CA ILE B 75 -18.29 14.81 -2.87
C ILE B 75 -19.69 15.16 -2.37
N MET B 76 -20.07 14.60 -1.23
CA MET B 76 -21.38 14.86 -0.68
C MET B 76 -21.41 16.20 0.06
N ASN B 77 -22.60 16.60 0.49
CA ASN B 77 -22.82 17.95 1.00
C ASN B 77 -22.12 18.21 2.32
N GLY B 78 -21.80 17.16 3.08
CA GLY B 78 -21.06 17.35 4.30
C GLY B 78 -19.71 18.00 4.10
N ALA B 79 -19.22 18.05 2.86
CA ALA B 79 -17.91 18.61 2.58
C ALA B 79 -17.89 20.13 2.64
N ASN B 80 -19.05 20.78 2.57
CA ASN B 80 -19.09 22.23 2.50
C ASN B 80 -19.01 22.83 3.89
N HIS B 81 -18.06 23.75 4.07
CA HIS B 81 -17.92 24.48 5.33
C HIS B 81 -18.97 25.58 5.42
N ARG B 82 -19.16 26.08 6.65
CA ARG B 82 -20.01 27.24 6.85
C ARG B 82 -19.31 28.48 6.32
N MET B 83 -20.04 29.39 5.63
CA MET B 83 -19.42 30.56 4.94
C MET B 83 -20.01 31.91 5.38
N ASP B 84 -20.78 31.99 6.47
CA ASP B 84 -21.32 33.29 6.98
C ASP B 84 -20.13 34.18 7.32
N GLY B 85 -19.16 33.60 8.00
CA GLY B 85 -17.88 34.21 8.41
C GLY B 85 -16.78 33.18 8.26
N SER B 86 -15.91 32.98 9.26
CA SER B 86 -14.80 32.05 9.18
C SER B 86 -15.29 30.66 8.79
N THR B 87 -14.66 30.09 7.75
CA THR B 87 -14.95 28.72 7.34
C THR B 87 -14.27 27.69 8.23
N TYR B 88 -13.45 28.11 9.17
CA TYR B 88 -12.76 27.17 10.06
C TYR B 88 -13.78 26.44 10.93
N PRO B 89 -13.71 25.10 11.02
CA PRO B 89 -14.78 24.34 11.72
C PRO B 89 -14.49 24.15 13.21
N PHE B 90 -14.53 25.26 13.95
CA PHE B 90 -14.04 25.28 15.33
C PHE B 90 -14.58 24.12 16.15
N HIS B 91 -15.88 23.86 16.07
CA HIS B 91 -16.52 22.94 17.01
C HIS B 91 -15.90 21.55 16.97
N LEU B 92 -15.29 21.13 15.85
CA LEU B 92 -14.70 19.79 15.63
C LEU B 92 -13.60 19.45 16.64
N PHE B 93 -12.85 20.45 17.11
CA PHE B 93 -11.71 20.29 18.04
C PHE B 93 -12.17 20.20 19.50
N ARG B 94 -13.43 20.50 19.78
CA ARG B 94 -14.06 20.39 21.12
C ARG B 94 -13.22 21.22 22.12
N MET B 95 -12.91 20.77 23.35
CA MET B 95 -12.12 21.54 24.36
C MET B 95 -12.75 22.91 24.63
N GLY B 96 -14.08 23.01 24.66
CA GLY B 96 -14.84 24.27 24.91
C GLY B 96 -15.40 24.89 23.63
N TRP B 97 -14.95 24.46 22.46
CA TRP B 97 -15.42 24.92 21.13
C TRP B 97 -16.61 24.08 20.65
N GLU B 98 -16.94 22.96 21.29
CA GLU B 98 -18.00 22.02 20.80
C GLU B 98 -19.38 22.69 20.75
N LYS B 99 -19.67 23.62 21.66
CA LYS B 99 -20.98 24.34 21.76
C LYS B 99 -21.16 25.42 20.69
N TYR B 100 -20.18 25.66 19.80
CA TYR B 100 -20.31 26.56 18.62
C TYR B 100 -20.51 25.71 17.35
N MET B 101 -21.49 24.80 17.36
CA MET B 101 -21.74 23.87 16.27
C MET B 101 -22.87 24.34 15.38
N PRO B 102 -22.72 24.22 14.07
CA PRO B 102 -23.76 24.68 13.16
C PRO B 102 -24.93 23.73 13.07
N SER B 103 -26.08 24.29 12.71
CA SER B 103 -27.23 23.53 12.24
C SER B 103 -27.23 23.56 10.72
N LEU B 104 -27.97 22.62 10.11
CA LEU B 104 -27.96 22.51 8.66
C LEU B 104 -28.58 23.72 7.98
N LYS B 105 -29.37 24.53 8.70
CA LYS B 105 -29.81 25.81 8.17
C LYS B 105 -28.65 26.78 8.00
N ASP B 106 -27.51 26.52 8.65
CA ASP B 106 -26.38 27.42 8.62
C ASP B 106 -25.34 27.06 7.57
N LEU B 107 -25.45 25.89 6.96
CA LEU B 107 -24.46 25.42 6.01
C LEU B 107 -24.97 25.56 4.58
N PRO B 108 -24.06 25.59 3.59
CA PRO B 108 -24.49 25.68 2.17
C PRO B 108 -24.79 24.30 1.57
N LEU B 109 -25.83 23.66 2.09
CA LEU B 109 -26.28 22.40 1.51
C LEU B 109 -26.90 22.65 0.14
N LYS B 110 -26.77 21.65 -0.75
CA LYS B 110 -27.15 21.83 -2.14
C LYS B 110 -27.98 20.68 -2.71
N GLY B 111 -28.37 19.71 -1.88
CA GLY B 111 -29.28 18.66 -2.32
C GLY B 111 -28.54 17.41 -2.76
N ASP B 112 -29.35 16.41 -3.12
CA ASP B 112 -28.82 15.10 -3.46
C ASP B 112 -28.10 15.14 -4.81
N ILE B 113 -27.14 14.25 -4.98
CA ILE B 113 -26.55 13.98 -6.28
C ILE B 113 -27.41 12.92 -6.96
N GLU B 114 -27.91 13.24 -8.15
CA GLU B 114 -28.79 12.35 -8.89
C GLU B 114 -28.22 12.18 -10.29
N ILE B 115 -27.91 10.94 -10.65
CA ILE B 115 -27.44 10.61 -11.99
C ILE B 115 -28.42 9.66 -12.63
N GLY B 116 -28.75 9.91 -13.89
CA GLY B 116 -29.78 9.18 -14.58
C GLY B 116 -29.32 7.80 -15.01
N ASN B 117 -30.03 7.28 -16.01
CA ASN B 117 -29.77 5.95 -16.54
C ASN B 117 -28.89 6.04 -17.77
N ASP B 118 -28.14 4.96 -18.01
CA ASP B 118 -27.28 4.85 -19.18
C ASP B 118 -26.31 6.03 -19.26
N VAL B 119 -25.69 6.34 -18.14
CA VAL B 119 -24.67 7.38 -18.10
C VAL B 119 -23.30 6.73 -18.09
N TRP B 120 -22.38 7.28 -18.88
CA TRP B 120 -21.00 6.81 -18.99
C TRP B 120 -20.10 7.86 -18.32
N ILE B 121 -19.60 7.54 -17.12
CA ILE B 121 -18.74 8.45 -16.37
C ILE B 121 -17.30 8.02 -16.55
N GLY B 122 -16.45 8.96 -16.91
CA GLY B 122 -15.06 8.66 -17.23
C GLY B 122 -14.23 8.35 -16.00
N ARG B 123 -12.98 8.00 -16.28
CA ARG B 123 -12.01 7.72 -15.23
C ARG B 123 -11.67 8.99 -14.48
N ASP B 124 -11.55 8.88 -13.16
CA ASP B 124 -11.09 9.97 -12.31
C ASP B 124 -12.00 11.19 -12.40
N VAL B 125 -13.30 10.96 -12.56
CA VAL B 125 -14.28 12.04 -12.54
C VAL B 125 -14.58 12.41 -11.09
N THR B 126 -14.78 13.69 -10.82
CA THR B 126 -15.15 14.17 -9.49
C THR B 126 -16.48 14.90 -9.60
N ILE B 127 -17.48 14.42 -8.86
CA ILE B 127 -18.84 14.95 -8.93
C ILE B 127 -19.13 15.65 -7.60
N MET B 128 -19.51 16.92 -7.69
CA MET B 128 -19.68 17.78 -6.53
C MET B 128 -21.12 17.79 -6.06
N PRO B 129 -21.37 18.37 -4.88
CA PRO B 129 -22.70 18.23 -4.27
C PRO B 129 -23.82 18.86 -5.11
N GLY B 130 -24.98 18.23 -5.05
CA GLY B 130 -26.20 18.78 -5.63
C GLY B 130 -26.30 18.68 -7.13
N VAL B 131 -25.33 18.07 -7.80
CA VAL B 131 -25.31 18.02 -9.26
C VAL B 131 -26.27 16.93 -9.73
N LYS B 132 -27.01 17.24 -10.79
CA LYS B 132 -27.91 16.28 -11.43
C LYS B 132 -27.38 16.01 -12.84
N ILE B 133 -27.26 14.74 -13.20
CA ILE B 133 -26.72 14.32 -14.49
C ILE B 133 -27.79 13.53 -15.23
N GLY B 134 -28.19 14.05 -16.39
CA GLY B 134 -29.31 13.47 -17.11
C GLY B 134 -28.98 12.15 -17.79
N ASP B 135 -30.04 11.51 -18.28
CA ASP B 135 -29.90 10.20 -18.91
C ASP B 135 -28.99 10.29 -20.12
N GLY B 136 -28.22 9.22 -20.33
CA GLY B 136 -27.45 9.07 -21.55
C GLY B 136 -26.28 10.00 -21.73
N ALA B 137 -25.94 10.80 -20.71
CA ALA B 137 -24.84 11.74 -20.86
C ALA B 137 -23.50 11.00 -20.86
N ILE B 138 -22.47 11.72 -21.25
CA ILE B 138 -21.10 11.20 -21.30
C ILE B 138 -20.19 12.22 -20.61
N ILE B 139 -19.52 11.79 -19.55
CA ILE B 139 -18.61 12.64 -18.79
C ILE B 139 -17.19 12.30 -19.21
N ALA B 140 -16.47 13.30 -19.72
CA ALA B 140 -15.08 13.10 -20.09
C ALA B 140 -14.27 12.70 -18.85
N ALA B 141 -13.22 11.93 -19.08
CA ALA B 141 -12.30 11.58 -18.01
C ALA B 141 -11.70 12.85 -17.41
N GLU B 142 -11.38 12.78 -16.12
CA GLU B 142 -10.73 13.86 -15.38
C GLU B 142 -11.64 15.06 -15.14
N ALA B 143 -12.92 14.96 -15.48
CA ALA B 143 -13.82 16.09 -15.37
C ALA B 143 -14.24 16.31 -13.93
N VAL B 144 -14.42 17.56 -13.55
CA VAL B 144 -15.01 17.95 -12.28
C VAL B 144 -16.38 18.51 -12.60
N VAL B 145 -17.43 17.80 -12.21
CA VAL B 145 -18.81 18.16 -12.56
C VAL B 145 -19.27 19.21 -11.55
N THR B 146 -19.29 20.46 -11.99
CA THR B 146 -19.59 21.62 -11.16
C THR B 146 -21.04 22.06 -11.25
N LYS B 147 -21.81 21.48 -12.15
CA LYS B 147 -23.15 21.94 -12.50
C LYS B 147 -23.85 20.77 -13.15
N ASN B 148 -25.13 20.95 -13.44
CA ASN B 148 -25.93 19.86 -13.98
C ASN B 148 -25.55 19.59 -15.43
N VAL B 149 -25.75 18.35 -15.85
CA VAL B 149 -25.44 17.89 -17.21
C VAL B 149 -26.76 17.49 -17.86
N ALA B 150 -27.11 18.16 -18.97
CA ALA B 150 -28.34 17.85 -19.67
C ALA B 150 -28.29 16.42 -20.22
N PRO B 151 -29.45 15.81 -20.44
CA PRO B 151 -29.46 14.44 -20.99
C PRO B 151 -28.79 14.39 -22.37
N TYR B 152 -28.02 13.32 -22.59
CA TYR B 152 -27.39 13.06 -23.89
C TYR B 152 -26.45 14.20 -24.27
N SER B 153 -25.89 14.81 -23.26
CA SER B 153 -24.85 15.81 -23.37
C SER B 153 -23.49 15.11 -23.26
N ILE B 154 -22.49 15.71 -23.89
CA ILE B 154 -21.09 15.35 -23.67
C ILE B 154 -20.39 16.54 -23.01
N VAL B 155 -19.76 16.29 -21.87
CA VAL B 155 -19.18 17.34 -21.06
C VAL B 155 -17.82 16.91 -20.55
N GLY B 156 -17.04 17.88 -20.10
CA GLY B 156 -15.72 17.59 -19.55
C GLY B 156 -15.05 18.87 -19.11
N GLY B 157 -13.92 18.69 -18.43
CA GLY B 157 -13.11 19.81 -18.00
C GLY B 157 -13.31 20.12 -16.53
N ASN B 158 -12.55 21.12 -16.08
CA ASN B 158 -12.61 21.61 -14.71
C ASN B 158 -12.35 23.11 -14.71
N PRO B 159 -13.37 23.96 -14.50
CA PRO B 159 -14.78 23.59 -14.29
C PRO B 159 -15.42 22.99 -15.55
N LEU B 160 -16.60 22.40 -15.39
CA LEU B 160 -17.24 21.68 -16.48
C LEU B 160 -17.63 22.64 -17.60
N LYS B 161 -17.41 22.20 -18.84
CA LYS B 161 -17.79 22.92 -20.04
C LYS B 161 -18.59 22.00 -20.94
N PHE B 162 -19.60 22.56 -21.61
CA PHE B 162 -20.42 21.81 -22.56
C PHE B 162 -19.65 21.63 -23.86
N ILE B 163 -19.66 20.40 -24.38
CA ILE B 163 -18.93 20.09 -25.61
C ILE B 163 -19.89 20.04 -26.78
N ARG B 164 -20.84 19.11 -26.72
CA ARG B 164 -21.85 18.97 -27.76
C ARG B 164 -22.92 18.01 -27.28
N LYS B 165 -24.02 17.95 -28.04
CA LYS B 165 -25.10 17.01 -27.79
C LYS B 165 -24.92 15.81 -28.72
N ARG B 166 -25.25 14.63 -28.21
CA ARG B 166 -24.95 13.40 -28.93
C ARG B 166 -25.82 13.26 -30.17
N PHE B 167 -27.09 13.65 -30.09
CA PHE B 167 -28.01 13.59 -31.21
C PHE B 167 -28.76 14.92 -31.31
N SER B 168 -29.62 15.01 -32.33
CA SER B 168 -30.48 16.17 -32.49
C SER B 168 -31.50 16.22 -31.35
N ASP B 169 -32.04 17.42 -31.13
CA ASP B 169 -33.01 17.60 -30.05
C ASP B 169 -34.19 16.65 -30.21
N GLY B 170 -34.61 16.40 -31.46
CA GLY B 170 -35.75 15.53 -31.67
C GLY B 170 -35.45 14.07 -31.37
N VAL B 171 -34.27 13.60 -31.79
CA VAL B 171 -33.90 12.22 -31.50
C VAL B 171 -33.64 12.03 -30.01
N ILE B 172 -33.21 13.09 -29.32
CA ILE B 172 -32.99 12.97 -27.88
C ILE B 172 -34.31 12.77 -27.15
N GLU B 173 -35.30 13.61 -27.46
CA GLU B 173 -36.62 13.44 -26.86
C GLU B 173 -37.19 12.06 -27.14
N GLU B 174 -36.85 11.46 -28.28
CA GLU B 174 -37.32 10.12 -28.59
C GLU B 174 -36.68 9.09 -27.67
N TRP B 175 -35.38 9.23 -27.38
CA TRP B 175 -34.72 8.32 -26.47
C TRP B 175 -35.26 8.46 -25.04
N LEU B 176 -35.57 9.70 -24.64
CA LEU B 176 -36.10 9.92 -23.30
C LEU B 176 -37.53 9.40 -23.18
N ALA B 177 -38.32 9.49 -24.24
CA ALA B 177 -39.68 8.98 -24.20
C ALA B 177 -39.73 7.46 -24.23
N LEU B 178 -38.65 6.81 -24.64
CA LEU B 178 -38.66 5.36 -24.74
C LEU B 178 -38.23 4.69 -23.44
N GLN B 179 -37.26 5.27 -22.75
CA GLN B 179 -36.82 4.78 -21.44
C GLN B 179 -36.52 3.28 -21.48
N TRP B 180 -35.62 2.90 -22.39
CA TRP B 180 -35.36 1.46 -22.57
C TRP B 180 -34.87 0.83 -21.27
N TRP B 181 -34.18 1.60 -20.43
CA TRP B 181 -33.65 1.04 -19.18
C TRP B 181 -34.77 0.60 -18.24
N ASN B 182 -35.95 1.17 -18.36
CA ASN B 182 -37.07 0.82 -17.49
C ASN B 182 -37.97 -0.26 -18.08
N LEU B 183 -37.77 -0.63 -19.33
CA LEU B 183 -38.51 -1.75 -19.91
C LEU B 183 -38.16 -3.04 -19.19
N ASP B 184 -39.13 -3.94 -19.10
CA ASP B 184 -38.87 -5.28 -18.57
C ASP B 184 -37.63 -5.85 -19.24
N MET B 185 -36.84 -6.60 -18.48
CA MET B 185 -35.56 -7.08 -18.99
C MET B 185 -35.73 -8.02 -20.17
N LYS B 186 -36.85 -8.72 -20.26
CA LYS B 186 -37.09 -9.54 -21.45
C LYS B 186 -37.34 -8.68 -22.66
N ILE B 187 -37.95 -7.50 -22.47
CA ILE B 187 -38.15 -6.59 -23.58
C ILE B 187 -36.81 -6.00 -24.03
N ILE B 188 -35.91 -5.74 -23.10
CA ILE B 188 -34.64 -5.11 -23.45
C ILE B 188 -33.81 -6.05 -24.30
N ASN B 189 -33.73 -7.32 -23.91
CA ASN B 189 -32.91 -8.27 -24.64
C ASN B 189 -33.35 -8.44 -26.08
N GLU B 190 -34.66 -8.40 -26.34
CA GLU B 190 -35.14 -8.55 -27.71
C GLU B 190 -34.71 -7.38 -28.58
N ASN B 191 -34.48 -6.22 -27.97
CA ASN B 191 -34.20 -4.99 -28.72
C ASN B 191 -32.77 -4.48 -28.52
N LEU B 192 -31.92 -5.22 -27.80
CA LEU B 192 -30.56 -4.74 -27.59
C LEU B 192 -29.80 -4.50 -28.89
N PRO B 193 -29.98 -5.27 -29.96
CA PRO B 193 -29.33 -4.92 -31.24
C PRO B 193 -29.55 -3.46 -31.62
N PHE B 194 -30.76 -2.95 -31.39
CA PHE B 194 -31.11 -1.59 -31.78
C PHE B 194 -30.81 -0.57 -30.68
N ILE B 195 -30.90 -0.98 -29.42
CA ILE B 195 -30.42 -0.13 -28.34
C ILE B 195 -28.94 0.19 -28.54
N ILE B 196 -28.16 -0.82 -28.92
CA ILE B 196 -26.71 -0.65 -28.99
C ILE B 196 -26.29 0.08 -30.25
N ASN B 197 -27.02 -0.10 -31.35
CA ASN B 197 -26.62 0.49 -32.63
C ASN B 197 -27.31 1.82 -32.90
N GLY B 198 -28.08 2.34 -31.95
CA GLY B 198 -28.64 3.67 -32.07
C GLY B 198 -29.85 3.79 -32.97
N ASP B 199 -30.44 2.68 -33.40
CA ASP B 199 -31.58 2.71 -34.31
C ASP B 199 -32.85 3.02 -33.51
N ILE B 200 -33.09 4.32 -33.29
CA ILE B 200 -34.19 4.70 -32.41
C ILE B 200 -35.54 4.46 -33.08
N GLU B 201 -35.64 4.65 -34.40
CA GLU B 201 -36.94 4.59 -35.03
C GLU B 201 -37.54 3.19 -34.99
N MET B 202 -36.71 2.15 -35.15
CA MET B 202 -37.26 0.81 -35.03
C MET B 202 -37.60 0.48 -33.58
N LEU B 203 -36.87 1.06 -32.62
CA LEU B 203 -37.25 0.88 -31.22
C LEU B 203 -38.65 1.43 -30.97
N LYS B 204 -38.92 2.65 -31.44
CA LYS B 204 -40.28 3.19 -31.37
C LYS B 204 -41.25 2.28 -32.10
N ARG B 205 -40.87 1.74 -33.25
CA ARG B 205 -41.70 0.75 -33.95
C ARG B 205 -41.99 -0.44 -33.05
N LYS B 206 -40.99 -0.89 -32.29
CA LYS B 206 -41.10 -2.16 -31.57
C LYS B 206 -42.03 -2.06 -30.37
N HIS C 1 13.04 14.91 33.92
CA HIS C 1 11.66 15.19 34.29
C HIS C 1 10.71 14.12 33.73
N GLY C 2 10.82 13.83 32.44
CA GLY C 2 10.05 12.77 31.81
C GLY C 2 9.17 13.27 30.68
N PRO C 3 8.89 12.40 29.71
CA PRO C 3 7.96 12.76 28.64
C PRO C 3 6.51 12.65 29.12
N ASP C 4 5.59 13.05 28.24
CA ASP C 4 4.17 13.04 28.57
C ASP C 4 3.56 11.75 28.07
N PRO C 5 3.07 10.87 28.96
CA PRO C 5 2.48 9.60 28.50
C PRO C 5 1.18 9.79 27.73
N GLU C 6 0.58 10.98 27.75
CA GLU C 6 -0.60 11.27 26.95
C GLU C 6 -0.26 11.71 25.53
N ASN C 7 1.02 11.88 25.21
CA ASN C 7 1.48 12.32 23.89
C ASN C 7 1.61 11.10 22.98
N ILE C 8 0.76 11.05 21.95
CA ILE C 8 0.68 9.87 21.10
C ILE C 8 2.01 9.61 20.40
N LEU C 9 2.71 10.67 20.00
CA LEU C 9 3.98 10.58 19.28
C LEU C 9 5.04 11.30 20.09
N PRO C 10 5.77 10.58 20.97
CA PRO C 10 6.63 11.27 21.94
C PRO C 10 8.00 11.65 21.42
N ILE C 11 8.35 11.27 20.19
CA ILE C 11 9.66 11.57 19.62
C ILE C 11 9.46 12.52 18.46
N LYS C 12 10.10 13.68 18.53
CA LYS C 12 9.99 14.67 17.46
C LYS C 12 10.40 14.06 16.14
N GLY C 13 9.52 14.15 15.14
CA GLY C 13 9.81 13.69 13.80
C GLY C 13 9.49 12.23 13.54
N ASN C 14 9.40 11.42 14.59
CA ASN C 14 9.08 10.00 14.45
C ASN C 14 7.56 9.85 14.43
N ARG C 15 7.03 9.35 13.31
CA ARG C 15 5.59 9.17 13.15
C ARG C 15 5.19 7.70 13.22
N ASN C 16 6.12 6.81 13.60
CA ASN C 16 5.86 5.39 13.72
C ASN C 16 5.72 4.93 15.16
N LEU C 17 6.54 5.46 16.07
CA LEU C 17 6.58 5.01 17.46
C LEU C 17 5.53 5.77 18.27
N GLN C 18 4.61 5.02 18.87
CA GLN C 18 3.46 5.60 19.55
C GLN C 18 3.41 5.15 21.01
N PHE C 19 3.08 6.08 21.91
CA PHE C 19 2.59 5.70 23.22
C PHE C 19 1.21 5.07 23.04
N ILE C 20 1.05 3.84 23.54
CA ILE C 20 -0.13 3.05 23.16
C ILE C 20 -1.37 3.53 23.89
N LYS C 21 -1.23 3.95 25.14
CA LYS C 21 -2.41 4.25 25.94
C LYS C 21 -3.29 5.33 25.31
N PRO C 22 -2.77 6.48 24.88
CA PRO C 22 -3.65 7.54 24.36
C PRO C 22 -4.26 7.23 22.99
N THR C 23 -3.79 6.18 22.31
CA THR C 23 -4.39 5.79 21.04
C THR C 23 -5.53 4.80 21.21
N ILE C 24 -5.75 4.28 22.41
CA ILE C 24 -6.72 3.21 22.63
C ILE C 24 -8.13 3.78 22.59
N THR C 25 -8.93 3.33 21.63
CA THR C 25 -10.35 3.67 21.55
C THR C 25 -11.26 2.55 22.04
N ASN C 26 -10.70 1.38 22.36
CA ASN C 26 -11.45 0.18 22.73
C ASN C 26 -11.37 -0.01 24.22
N GLU C 27 -12.50 -0.39 24.84
CA GLU C 27 -12.52 -0.46 26.30
C GLU C 27 -11.90 -1.75 26.82
N ASN C 28 -11.91 -2.83 26.03
CA ASN C 28 -11.35 -4.10 26.48
C ASN C 28 -9.85 -4.20 26.25
N ILE C 29 -9.18 -3.10 25.96
CA ILE C 29 -7.72 -3.04 25.84
C ILE C 29 -7.22 -2.08 26.90
N LEU C 30 -6.43 -2.57 27.85
CA LEU C 30 -5.95 -1.78 28.97
C LEU C 30 -4.43 -1.78 28.98
N VAL C 31 -3.83 -0.67 28.54
CA VAL C 31 -2.38 -0.54 28.46
C VAL C 31 -1.93 0.53 29.44
N GLY C 32 -0.79 0.30 30.07
CA GLY C 32 -0.27 1.23 31.05
C GLY C 32 0.49 2.39 30.43
N GLU C 33 0.68 3.42 31.25
CA GLU C 33 1.38 4.61 30.79
C GLU C 33 2.82 4.28 30.42
N TYR C 34 3.29 4.90 29.34
CA TYR C 34 4.65 4.91 28.83
C TYR C 34 4.97 3.67 27.97
N SER C 35 4.13 2.64 27.95
CA SER C 35 4.32 1.55 27.02
C SER C 35 4.13 2.04 25.59
N TYR C 36 4.98 1.57 24.68
CA TYR C 36 5.00 2.10 23.32
C TYR C 36 5.04 0.99 22.28
N TYR C 37 4.61 1.36 21.07
CA TYR C 37 4.58 0.46 19.92
C TYR C 37 5.30 1.16 18.76
N ASP C 38 6.39 0.56 18.31
CA ASP C 38 7.14 1.09 17.17
C ASP C 38 6.55 0.48 15.90
N SER C 39 5.64 1.22 15.27
CA SER C 39 4.92 0.68 14.11
C SER C 39 5.81 0.65 12.87
N LYS C 40 5.49 -0.26 11.96
CA LYS C 40 6.24 -0.37 10.72
C LYS C 40 5.89 0.76 9.77
N ARG C 41 4.59 0.96 9.53
CA ARG C 41 4.12 1.93 8.53
C ARG C 41 3.28 3.03 9.15
N GLY C 42 3.29 3.17 10.47
CA GLY C 42 2.41 4.09 11.15
C GLY C 42 1.06 3.53 11.52
N GLU C 43 0.86 2.22 11.35
CA GLU C 43 -0.40 1.60 11.71
C GLU C 43 -0.65 1.74 13.20
N SER C 44 -1.92 1.64 13.59
CA SER C 44 -2.28 1.71 14.99
C SER C 44 -1.93 0.42 15.71
N PHE C 45 -1.79 0.52 17.03
CA PHE C 45 -1.61 -0.67 17.85
C PHE C 45 -2.86 -1.54 17.79
N GLU C 46 -4.04 -0.94 17.92
CA GLU C 46 -5.28 -1.70 17.83
C GLU C 46 -5.35 -2.50 16.54
N ASP C 47 -4.77 -1.96 15.45
CA ASP C 47 -4.72 -2.70 14.19
C ASP C 47 -3.94 -4.01 14.34
N GLN C 48 -3.21 -4.18 15.43
CA GLN C 48 -2.45 -5.39 15.69
C GLN C 48 -3.16 -6.35 16.64
N VAL C 49 -4.37 -6.02 17.08
CA VAL C 49 -5.17 -6.86 17.98
C VAL C 49 -6.26 -7.52 17.14
N LEU C 50 -6.15 -8.83 16.96
CA LEU C 50 -6.93 -9.55 15.96
C LEU C 50 -7.96 -10.45 16.62
N TYR C 51 -9.05 -10.69 15.89
CA TYR C 51 -10.12 -11.55 16.35
C TYR C 51 -10.62 -11.11 17.73
N HIS C 52 -10.62 -9.80 17.95
CA HIS C 52 -11.06 -9.20 19.20
C HIS C 52 -12.49 -8.72 19.01
N TYR C 53 -13.43 -9.40 19.65
CA TYR C 53 -14.86 -9.13 19.48
C TYR C 53 -15.47 -8.77 20.81
N GLU C 54 -16.28 -7.71 20.81
CA GLU C 54 -16.92 -7.27 22.05
C GLU C 54 -17.73 -8.39 22.69
N VAL C 55 -18.33 -9.26 21.87
CA VAL C 55 -19.23 -10.28 22.40
C VAL C 55 -18.51 -11.44 23.06
N ILE C 56 -17.19 -11.49 22.97
CA ILE C 56 -16.45 -12.49 23.73
C ILE C 56 -16.04 -11.96 25.10
N GLY C 57 -15.81 -10.65 25.20
CA GLY C 57 -15.54 -10.03 26.47
C GLY C 57 -14.13 -10.19 26.99
N ASP C 58 -13.26 -10.89 26.26
CA ASP C 58 -11.87 -11.00 26.69
C ASP C 58 -11.15 -9.67 26.53
N LYS C 59 -10.11 -9.49 27.34
CA LYS C 59 -9.40 -8.22 27.39
C LYS C 59 -7.91 -8.46 27.08
N LEU C 60 -7.27 -7.40 26.60
CA LEU C 60 -5.83 -7.36 26.40
C LEU C 60 -5.25 -6.37 27.42
N ILE C 61 -4.46 -6.87 28.35
CA ILE C 61 -3.91 -6.06 29.43
C ILE C 61 -2.39 -5.99 29.24
N ILE C 62 -1.86 -4.77 29.31
CA ILE C 62 -0.43 -4.53 29.20
C ILE C 62 -0.03 -3.56 30.29
N GLY C 63 1.04 -3.89 31.02
CA GLY C 63 1.52 -3.04 32.08
C GLY C 63 2.22 -1.80 31.57
N ARG C 64 3.06 -1.21 32.41
CA ARG C 64 3.72 0.06 32.10
C ARG C 64 5.17 -0.21 31.70
N PHE C 65 5.69 0.67 30.84
CA PHE C 65 7.08 0.66 30.43
C PHE C 65 7.45 -0.55 29.59
N CYS C 66 6.52 -1.02 28.77
CA CYS C 66 6.79 -2.13 27.87
C CYS C 66 7.26 -1.62 26.52
N SER C 67 8.00 -2.48 25.82
CA SER C 67 8.43 -2.23 24.44
C SER C 67 7.73 -3.24 23.55
N ILE C 68 6.93 -2.75 22.60
CA ILE C 68 6.20 -3.61 21.67
C ILE C 68 6.84 -3.41 20.31
N GLY C 69 7.47 -4.46 19.79
CA GLY C 69 8.20 -4.39 18.56
C GLY C 69 7.29 -4.30 17.35
N PRO C 70 7.78 -3.67 16.27
CA PRO C 70 6.95 -3.56 15.06
C PRO C 70 6.45 -4.93 14.60
N GLY C 71 5.18 -4.98 14.23
CA GLY C 71 4.58 -6.20 13.72
C GLY C 71 4.10 -7.17 14.78
N THR C 72 4.31 -6.88 16.06
CA THR C 72 3.79 -7.74 17.11
C THR C 72 2.29 -7.89 16.94
N THR C 73 1.80 -9.12 17.05
CA THR C 73 0.39 -9.42 16.82
C THR C 73 -0.19 -10.13 18.03
N PHE C 74 -1.42 -9.77 18.37
CA PHE C 74 -2.14 -10.32 19.51
C PHE C 74 -3.36 -11.07 18.98
N ILE C 75 -3.36 -12.38 19.15
CA ILE C 75 -4.45 -13.24 18.69
C ILE C 75 -5.38 -13.46 19.89
N MET C 76 -6.52 -12.80 19.87
CA MET C 76 -7.50 -12.90 20.95
C MET C 76 -8.39 -14.11 20.73
N ASN C 77 -9.28 -14.35 21.70
CA ASN C 77 -10.00 -15.62 21.80
C ASN C 77 -11.07 -15.80 20.73
N GLY C 78 -11.45 -14.74 20.02
CA GLY C 78 -12.34 -14.91 18.90
C GLY C 78 -11.78 -15.74 17.77
N ALA C 79 -10.51 -16.12 17.84
CA ALA C 79 -9.88 -16.85 16.74
C ALA C 79 -10.15 -18.34 16.79
N ASN C 80 -10.37 -18.89 17.99
CA ASN C 80 -10.47 -20.33 18.16
C ASN C 80 -11.84 -20.83 17.72
N HIS C 81 -11.85 -21.88 16.93
CA HIS C 81 -13.08 -22.47 16.42
C HIS C 81 -13.67 -23.44 17.44
N ARG C 82 -14.93 -23.82 17.19
CA ARG C 82 -15.53 -24.92 17.92
C ARG C 82 -14.86 -26.23 17.53
N MET C 83 -14.37 -27.03 18.49
CA MET C 83 -13.64 -28.29 18.20
C MET C 83 -14.39 -29.51 18.75
N ASP C 84 -15.66 -29.37 19.15
CA ASP C 84 -16.46 -30.48 19.69
C ASP C 84 -16.58 -31.58 18.64
N GLY C 85 -16.89 -31.20 17.40
CA GLY C 85 -17.04 -32.13 16.26
C GLY C 85 -16.40 -31.62 14.99
N SER C 86 -16.97 -30.56 14.39
CA SER C 86 -16.49 -29.95 13.13
C SER C 86 -16.06 -28.50 13.39
N THR C 87 -14.86 -28.08 12.97
CA THR C 87 -14.37 -26.72 13.19
C THR C 87 -14.91 -25.73 12.18
N TYR C 88 -15.60 -26.17 11.13
CA TYR C 88 -16.14 -25.25 10.15
C TYR C 88 -17.18 -24.35 10.81
N PRO C 89 -17.10 -23.01 10.61
CA PRO C 89 -18.12 -22.10 11.17
C PRO C 89 -19.31 -21.88 10.23
N PHE C 90 -20.21 -22.87 10.23
CA PHE C 90 -21.34 -22.85 9.29
C PHE C 90 -22.17 -21.58 9.46
N HIS C 91 -22.42 -21.17 10.69
CA HIS C 91 -23.38 -20.08 10.94
C HIS C 91 -22.97 -18.79 10.25
N LEU C 92 -21.67 -18.58 10.05
CA LEU C 92 -21.22 -17.32 9.48
C LEU C 92 -21.86 -17.04 8.13
N PHE C 93 -22.16 -18.08 7.36
CA PHE C 93 -22.67 -17.94 6.00
C PHE C 93 -24.19 -17.89 5.94
N ARG C 94 -24.89 -17.91 7.06
CA ARG C 94 -26.36 -17.70 7.03
C ARG C 94 -27.07 -18.65 6.00
N MET C 95 -28.12 -18.24 5.26
CA MET C 95 -28.85 -19.13 4.30
C MET C 95 -29.33 -20.41 4.98
N GLY C 96 -29.84 -20.30 6.22
CA GLY C 96 -30.39 -21.42 7.02
C GLY C 96 -29.40 -22.05 7.99
N TRP C 97 -28.13 -21.62 7.95
CA TRP C 97 -27.03 -22.10 8.81
C TRP C 97 -26.95 -21.24 10.09
N GLU C 98 -27.48 -20.01 10.06
CA GLU C 98 -27.47 -19.19 11.27
C GLU C 98 -28.16 -19.88 12.43
N LYS C 99 -29.04 -20.84 12.15
CA LYS C 99 -29.68 -21.62 13.20
C LYS C 99 -28.64 -22.25 14.13
N TYR C 100 -27.52 -22.69 13.57
CA TYR C 100 -26.49 -23.39 14.36
C TYR C 100 -25.46 -22.43 14.91
N MET C 101 -25.91 -21.34 15.50
CA MET C 101 -24.99 -20.37 16.06
C MET C 101 -24.51 -20.84 17.42
N PRO C 102 -23.19 -20.92 17.65
CA PRO C 102 -22.69 -21.40 18.93
C PRO C 102 -22.77 -20.33 20.00
N SER C 103 -22.85 -20.78 21.25
CA SER C 103 -22.72 -19.92 22.40
C SER C 103 -21.35 -20.14 23.04
N LEU C 104 -21.02 -19.26 23.99
CA LEU C 104 -19.63 -19.12 24.41
C LEU C 104 -19.10 -20.34 25.14
N LYS C 105 -19.96 -21.07 25.87
CA LYS C 105 -19.48 -22.27 26.55
C LYS C 105 -18.96 -23.30 25.56
N ASP C 106 -19.51 -23.31 24.35
CA ASP C 106 -19.13 -24.30 23.35
C ASP C 106 -17.75 -24.03 22.76
N LEU C 107 -17.19 -22.83 22.98
CA LEU C 107 -15.94 -22.45 22.35
C LEU C 107 -14.76 -22.61 23.32
N PRO C 108 -13.56 -22.87 22.81
CA PRO C 108 -12.38 -23.02 23.69
C PRO C 108 -11.72 -21.69 24.04
N LEU C 109 -12.38 -20.94 24.93
CA LEU C 109 -11.86 -19.66 25.37
C LEU C 109 -10.78 -19.86 26.43
N LYS C 110 -9.71 -19.08 26.33
CA LYS C 110 -8.52 -19.27 27.16
C LYS C 110 -8.28 -18.14 28.16
N GLY C 111 -9.02 -17.04 28.07
CA GLY C 111 -8.89 -15.94 29.00
C GLY C 111 -8.21 -14.74 28.37
N ASP C 112 -7.92 -13.76 29.22
CA ASP C 112 -7.32 -12.52 28.76
C ASP C 112 -5.82 -12.69 28.55
N ILE C 113 -5.29 -11.93 27.60
CA ILE C 113 -3.85 -11.78 27.46
C ILE C 113 -3.40 -10.72 28.46
N GLU C 114 -2.52 -11.09 29.38
CA GLU C 114 -2.04 -10.20 30.41
C GLU C 114 -0.53 -10.08 30.30
N ILE C 115 -0.04 -8.86 30.08
CA ILE C 115 1.39 -8.59 29.99
C ILE C 115 1.76 -7.69 31.15
N GLY C 116 2.89 -8.02 31.79
CA GLY C 116 3.36 -7.28 32.94
C GLY C 116 4.00 -5.96 32.54
N ASN C 117 4.78 -5.41 33.46
CA ASN C 117 5.48 -4.15 33.26
C ASN C 117 6.92 -4.41 32.85
N ASP C 118 7.50 -3.44 32.14
CA ASP C 118 8.91 -3.49 31.77
C ASP C 118 9.22 -4.74 30.94
N VAL C 119 8.30 -5.09 30.05
CA VAL C 119 8.47 -6.25 29.17
C VAL C 119 8.98 -5.77 27.83
N TRP C 120 10.03 -6.42 27.34
CA TRP C 120 10.63 -6.10 26.04
C TRP C 120 10.14 -7.15 25.04
N ILE C 121 9.17 -6.77 24.22
CA ILE C 121 8.60 -7.67 23.22
C ILE C 121 9.30 -7.40 21.90
N GLY C 122 9.90 -8.44 21.34
CA GLY C 122 10.67 -8.30 20.13
C GLY C 122 9.81 -8.06 18.91
N ARG C 123 10.49 -7.76 17.81
CA ARG C 123 9.81 -7.49 16.55
C ARG C 123 9.11 -8.73 16.05
N ASP C 124 7.90 -8.53 15.51
CA ASP C 124 7.15 -9.57 14.81
C ASP C 124 6.82 -10.75 15.72
N VAL C 125 6.51 -10.47 16.97
CA VAL C 125 6.09 -11.50 17.90
C VAL C 125 4.59 -11.69 17.77
N THR C 126 4.14 -12.93 17.91
CA THR C 126 2.72 -13.26 17.93
C THR C 126 2.37 -13.82 19.29
N ILE C 127 1.48 -13.14 20.01
CA ILE C 127 0.99 -13.58 21.31
C ILE C 127 -0.39 -14.19 21.10
N MET C 128 -0.61 -15.37 21.66
CA MET C 128 -1.83 -16.12 21.43
C MET C 128 -2.73 -16.12 22.65
N PRO C 129 -3.98 -16.56 22.49
CA PRO C 129 -4.98 -16.27 23.51
C PRO C 129 -4.61 -16.84 24.88
N GLY C 130 -4.84 -16.02 25.90
CA GLY C 130 -4.79 -16.47 27.28
C GLY C 130 -3.43 -16.47 27.93
N VAL C 131 -2.37 -16.13 27.21
CA VAL C 131 -1.03 -16.22 27.78
C VAL C 131 -0.78 -15.04 28.71
N LYS C 132 -0.08 -15.31 29.81
CA LYS C 132 0.34 -14.29 30.75
C LYS C 132 1.85 -14.14 30.66
N ILE C 133 2.32 -12.90 30.54
CA ILE C 133 3.74 -12.60 30.44
C ILE C 133 4.13 -11.78 31.66
N GLY C 134 5.11 -12.27 32.41
CA GLY C 134 5.49 -11.65 33.65
C GLY C 134 6.34 -10.41 33.48
N ASP C 135 6.46 -9.65 34.57
CA ASP C 135 7.23 -8.43 34.56
C ASP C 135 8.67 -8.70 34.15
N GLY C 136 9.26 -7.75 33.43
CA GLY C 136 10.66 -7.81 33.10
C GLY C 136 11.07 -8.90 32.14
N ALA C 137 10.12 -9.58 31.52
CA ALA C 137 10.45 -10.65 30.60
C ALA C 137 10.95 -10.07 29.27
N ILE C 138 11.64 -10.92 28.51
CA ILE C 138 12.16 -10.56 27.20
C ILE C 138 11.69 -11.61 26.20
N ILE C 139 10.90 -11.18 25.23
CA ILE C 139 10.40 -12.04 24.16
C ILE C 139 11.27 -11.79 22.94
N ALA C 140 12.05 -12.78 22.55
CA ALA C 140 12.90 -12.64 21.37
C ALA C 140 12.04 -12.33 20.14
N ALA C 141 12.67 -11.74 19.13
CA ALA C 141 11.97 -11.42 17.90
C ALA C 141 11.53 -12.70 17.19
N GLU C 142 10.39 -12.60 16.50
CA GLU C 142 9.79 -13.68 15.72
C GLU C 142 9.24 -14.80 16.57
N ALA C 143 9.16 -14.62 17.89
CA ALA C 143 8.63 -15.65 18.77
C ALA C 143 7.11 -15.73 18.65
N VAL C 144 6.60 -16.93 18.87
CA VAL C 144 5.16 -17.18 18.96
C VAL C 144 4.89 -17.59 20.40
N VAL C 145 4.39 -16.65 21.20
CA VAL C 145 4.13 -16.92 22.61
C VAL C 145 2.90 -17.80 22.72
N THR C 146 3.12 -19.09 22.97
CA THR C 146 2.06 -20.08 23.05
C THR C 146 1.78 -20.56 24.46
N LYS C 147 2.58 -20.14 25.44
CA LYS C 147 2.36 -20.50 26.83
C LYS C 147 2.80 -19.33 27.70
N ASN C 148 2.58 -19.47 29.01
CA ASN C 148 2.90 -18.40 29.95
C ASN C 148 4.42 -18.17 30.00
N VAL C 149 4.79 -17.00 30.50
CA VAL C 149 6.18 -16.57 30.59
C VAL C 149 6.45 -16.06 32.00
N ALA C 150 7.48 -16.60 32.63
CA ALA C 150 7.80 -16.22 34.00
C ALA C 150 8.45 -14.84 34.04
N PRO C 151 8.29 -14.10 35.14
CA PRO C 151 8.94 -12.79 35.24
C PRO C 151 10.44 -12.90 35.06
N TYR C 152 10.99 -11.93 34.32
CA TYR C 152 12.43 -11.81 34.10
C TYR C 152 13.02 -13.09 33.51
N SER C 153 12.25 -13.74 32.66
CA SER C 153 12.74 -14.86 31.86
C SER C 153 12.91 -14.40 30.41
N ILE C 154 13.81 -15.07 29.70
CA ILE C 154 14.05 -14.83 28.28
C ILE C 154 13.52 -16.02 27.52
N VAL C 155 12.63 -15.79 26.56
CA VAL C 155 11.96 -16.84 25.82
C VAL C 155 12.02 -16.52 24.33
N GLY C 156 11.69 -17.52 23.52
CA GLY C 156 11.70 -17.33 22.08
C GLY C 156 11.37 -18.63 21.37
N GLY C 157 11.13 -18.49 20.07
CA GLY C 157 10.87 -19.64 19.21
C GLY C 157 9.39 -19.86 18.96
N ASN C 158 9.13 -20.85 18.10
CA ASN C 158 7.76 -21.23 17.73
C ASN C 158 7.71 -22.74 17.60
N PRO C 159 7.12 -23.46 18.59
CA PRO C 159 6.53 -22.93 19.83
C PRO C 159 7.57 -22.35 20.78
N LEU C 160 7.12 -21.50 21.71
CA LEU C 160 8.00 -20.83 22.64
C LEU C 160 8.90 -21.82 23.38
N LYS C 161 10.16 -21.47 23.52
CA LYS C 161 11.11 -22.25 24.31
C LYS C 161 11.83 -21.34 25.30
N PHE C 162 11.84 -21.76 26.55
CA PHE C 162 12.59 -21.04 27.59
C PHE C 162 14.08 -21.03 27.26
N ILE C 163 14.70 -19.86 27.35
CA ILE C 163 16.12 -19.73 27.07
C ILE C 163 16.89 -19.69 28.39
N ARG C 164 16.63 -18.65 29.19
CA ARG C 164 17.33 -18.48 30.45
C ARG C 164 16.62 -17.40 31.27
N LYS C 165 17.02 -17.30 32.54
CA LYS C 165 16.55 -16.24 33.42
C LYS C 165 17.56 -15.10 33.44
N ARG C 166 17.06 -13.87 33.45
CA ARG C 166 17.94 -12.71 33.36
C ARG C 166 18.85 -12.59 34.57
N PHE C 167 18.29 -12.81 35.76
CA PHE C 167 19.03 -12.72 37.01
C PHE C 167 18.75 -13.97 37.84
N SER C 168 19.34 -14.02 39.03
CA SER C 168 19.07 -15.12 39.94
C SER C 168 17.67 -14.99 40.54
N ASP C 169 17.16 -16.10 41.07
CA ASP C 169 15.84 -16.08 41.70
C ASP C 169 15.79 -15.04 42.82
N GLY C 170 16.87 -14.93 43.58
CA GLY C 170 16.93 -13.90 44.60
C GLY C 170 16.78 -12.51 44.01
N VAL C 171 17.62 -12.17 43.03
CA VAL C 171 17.54 -10.85 42.41
C VAL C 171 16.18 -10.66 41.74
N ILE C 172 15.60 -11.73 41.20
CA ILE C 172 14.28 -11.62 40.59
C ILE C 172 13.24 -11.29 41.65
N GLU C 173 13.29 -11.98 42.80
CA GLU C 173 12.32 -11.72 43.85
C GLU C 173 12.38 -10.27 44.32
N GLU C 174 13.59 -9.70 44.42
CA GLU C 174 13.72 -8.32 44.89
C GLU C 174 13.24 -7.32 43.85
N TRP C 175 13.34 -7.66 42.56
CA TRP C 175 12.77 -6.80 41.53
C TRP C 175 11.25 -6.76 41.65
N LEU C 176 10.63 -7.92 41.89
CA LEU C 176 9.18 -7.97 42.04
C LEU C 176 8.73 -7.36 43.35
N ALA C 177 9.52 -7.51 44.41
CA ALA C 177 9.20 -6.86 45.67
C ALA C 177 9.24 -5.34 45.54
N LEU C 178 10.26 -4.83 44.84
CA LEU C 178 10.43 -3.39 44.70
C LEU C 178 9.35 -2.78 43.82
N GLN C 179 9.12 -3.37 42.66
CA GLN C 179 8.13 -2.89 41.69
C GLN C 179 8.32 -1.40 41.42
N TRP C 180 9.38 -1.11 40.66
CA TRP C 180 9.69 0.29 40.37
C TRP C 180 8.66 0.92 39.44
N TRP C 181 7.93 0.12 38.66
CA TRP C 181 6.93 0.68 37.75
C TRP C 181 5.72 1.21 38.49
N ASN C 182 5.47 0.76 39.71
CA ASN C 182 4.29 1.19 40.46
C ASN C 182 4.56 2.40 41.35
N LEU C 183 5.81 2.83 41.47
CA LEU C 183 6.13 3.95 42.34
C LEU C 183 5.74 5.26 41.69
N ASP C 184 5.57 6.29 42.53
CA ASP C 184 5.21 7.60 42.04
C ASP C 184 6.29 8.13 41.09
N MET C 185 5.85 8.88 40.09
CA MET C 185 6.76 9.32 39.03
C MET C 185 7.97 10.06 39.60
N LYS C 186 7.76 10.92 40.60
CA LYS C 186 8.87 11.66 41.19
C LYS C 186 10.00 10.72 41.59
N ILE C 187 9.66 9.55 42.12
CA ILE C 187 10.69 8.67 42.66
C ILE C 187 11.26 7.76 41.56
N ILE C 188 10.47 7.45 40.52
CA ILE C 188 11.04 6.78 39.35
C ILE C 188 12.15 7.65 38.76
N ASN C 189 11.86 8.92 38.52
CA ASN C 189 12.86 9.81 37.94
C ASN C 189 14.09 9.92 38.82
N GLU C 190 13.90 9.95 40.14
CA GLU C 190 15.02 10.12 41.05
C GLU C 190 15.94 8.91 41.08
N ASN C 191 15.47 7.75 40.63
CA ASN C 191 16.25 6.51 40.71
C ASN C 191 16.56 5.91 39.35
N LEU C 192 16.31 6.63 38.26
CA LEU C 192 16.50 6.03 36.94
C LEU C 192 17.91 5.51 36.71
N PRO C 193 18.98 6.20 37.12
CA PRO C 193 20.32 5.60 37.02
C PRO C 193 20.34 4.17 37.52
N PHE C 194 19.72 3.94 38.68
CA PHE C 194 19.75 2.63 39.31
C PHE C 194 18.79 1.66 38.67
N ILE C 195 17.63 2.15 38.22
CA ILE C 195 16.67 1.29 37.53
C ILE C 195 17.27 0.79 36.22
N ILE C 196 18.04 1.65 35.54
CA ILE C 196 18.56 1.31 34.22
C ILE C 196 19.71 0.32 34.33
N ASN C 197 20.67 0.68 35.20
CA ASN C 197 21.93 -0.06 35.46
C ASN C 197 21.65 -1.26 36.37
N GLY C 198 20.41 -1.43 36.84
CA GLY C 198 20.03 -2.65 37.56
C GLY C 198 20.82 -2.82 38.84
N ASP C 199 21.09 -1.72 39.54
CA ASP C 199 21.78 -1.71 40.86
C ASP C 199 20.67 -1.95 41.89
N ILE C 200 20.21 -3.20 41.98
CA ILE C 200 19.09 -3.66 42.83
C ILE C 200 19.48 -3.45 44.29
N GLU C 201 20.75 -3.66 44.65
CA GLU C 201 21.25 -3.53 46.04
C GLU C 201 21.16 -2.10 46.57
N MET C 202 21.34 -1.05 45.74
CA MET C 202 21.26 0.31 46.25
C MET C 202 19.80 0.75 46.37
N LEU C 203 18.98 0.47 45.36
CA LEU C 203 17.55 0.71 45.49
C LEU C 203 17.00 -0.03 46.70
N LYS C 204 17.43 -1.27 46.90
CA LYS C 204 17.03 -2.02 48.09
C LYS C 204 17.44 -1.28 49.36
N ARG C 205 18.69 -0.81 49.41
CA ARG C 205 19.17 -0.15 50.62
C ARG C 205 18.48 1.18 50.84
N LYS C 206 18.15 1.90 49.76
CA LYS C 206 17.52 3.20 49.92
C LYS C 206 16.13 3.08 50.53
N ARG C 207 15.38 2.06 50.13
CA ARG C 207 13.99 1.93 50.57
C ARG C 207 13.91 1.84 52.10
N LYS C 208 14.65 0.90 52.69
CA LYS C 208 14.64 0.75 54.14
C LYS C 208 14.90 2.09 54.81
N LEU C 209 16.03 2.71 54.49
CA LEU C 209 16.41 3.99 55.07
C LEU C 209 15.32 5.04 54.84
N HIS D 1 30.66 12.33 -20.98
CA HIS D 1 30.61 11.09 -21.75
C HIS D 1 29.19 10.60 -21.97
N GLY D 2 28.38 10.63 -20.91
CA GLY D 2 26.98 10.27 -21.00
C GLY D 2 26.65 9.01 -20.21
N PRO D 3 25.43 8.92 -19.68
CA PRO D 3 24.99 7.69 -19.02
C PRO D 3 24.65 6.61 -20.04
N ASP D 4 24.18 5.47 -19.55
CA ASP D 4 23.81 4.36 -20.41
C ASP D 4 22.30 4.32 -20.59
N PRO D 5 21.78 4.54 -21.81
CA PRO D 5 20.32 4.51 -21.99
C PRO D 5 19.71 3.14 -21.78
N GLU D 6 20.53 2.08 -21.69
CA GLU D 6 20.06 0.74 -21.39
C GLU D 6 19.98 0.46 -19.89
N ASN D 7 20.40 1.41 -19.06
CA ASN D 7 20.39 1.26 -17.60
C ASN D 7 19.02 1.70 -17.09
N ILE D 8 18.27 0.75 -16.53
CA ILE D 8 16.89 1.04 -16.11
C ILE D 8 16.89 2.13 -15.03
N LEU D 9 17.79 2.00 -14.06
CA LEU D 9 17.89 2.97 -12.96
C LEU D 9 19.23 3.70 -13.09
N PRO D 10 19.25 4.86 -13.75
CA PRO D 10 20.53 5.51 -14.08
C PRO D 10 21.05 6.47 -13.03
N ILE D 11 20.37 6.60 -11.89
CA ILE D 11 20.80 7.46 -10.80
C ILE D 11 21.09 6.59 -9.59
N LYS D 12 22.29 6.76 -9.04
CA LYS D 12 22.72 5.99 -7.89
C LYS D 12 21.76 6.19 -6.72
N GLY D 13 21.25 5.08 -6.19
CA GLY D 13 20.37 5.11 -5.04
C GLY D 13 18.94 5.55 -5.32
N ASN D 14 18.66 6.07 -6.51
CA ASN D 14 17.30 6.48 -6.87
C ASN D 14 16.63 5.30 -7.57
N ARG D 15 15.69 4.67 -6.89
CA ARG D 15 15.00 3.50 -7.43
C ARG D 15 13.64 3.85 -7.99
N ASN D 16 13.34 5.13 -8.09
CA ASN D 16 12.08 5.59 -8.62
C ASN D 16 12.19 6.13 -10.04
N LEU D 17 13.31 6.75 -10.40
CA LEU D 17 13.46 7.30 -11.73
C LEU D 17 14.01 6.22 -12.66
N GLN D 18 13.31 6.00 -13.78
CA GLN D 18 13.65 4.92 -14.70
C GLN D 18 13.78 5.44 -16.12
N PHE D 19 14.82 4.99 -16.83
CA PHE D 19 14.85 5.13 -18.28
C PHE D 19 13.78 4.21 -18.87
N ILE D 20 12.86 4.79 -19.65
CA ILE D 20 11.66 4.07 -20.05
C ILE D 20 12.01 2.91 -20.98
N LYS D 21 12.84 3.18 -21.98
CA LYS D 21 13.03 2.21 -23.05
C LYS D 21 13.40 0.82 -22.57
N PRO D 22 14.41 0.63 -21.71
CA PRO D 22 14.79 -0.74 -21.35
C PRO D 22 13.71 -1.50 -20.59
N THR D 23 12.82 -0.79 -19.90
CA THR D 23 11.80 -1.46 -19.10
C THR D 23 10.63 -1.98 -19.94
N ILE D 24 10.49 -1.47 -21.17
CA ILE D 24 9.29 -1.74 -21.94
C ILE D 24 9.16 -3.23 -22.25
N THR D 25 7.94 -3.75 -22.11
CA THR D 25 7.62 -5.13 -22.40
C THR D 25 6.81 -5.31 -23.68
N ASN D 26 6.18 -4.24 -24.16
CA ASN D 26 5.07 -4.30 -25.10
C ASN D 26 5.49 -3.80 -26.47
N GLU D 27 5.16 -4.57 -27.50
CA GLU D 27 5.63 -4.27 -28.84
C GLU D 27 5.17 -2.89 -29.30
N ASN D 28 3.93 -2.53 -29.00
CA ASN D 28 3.34 -1.30 -29.54
C ASN D 28 3.58 -0.07 -28.69
N ILE D 29 4.34 -0.17 -27.61
CA ILE D 29 4.86 1.00 -26.91
C ILE D 29 6.30 1.18 -27.35
N LEU D 30 6.60 2.30 -28.00
CA LEU D 30 7.93 2.57 -28.54
C LEU D 30 8.41 3.90 -27.99
N VAL D 31 9.47 3.87 -27.18
CA VAL D 31 9.99 5.05 -26.51
C VAL D 31 11.45 5.25 -26.91
N GLY D 32 11.83 6.50 -27.09
CA GLY D 32 13.19 6.82 -27.47
C GLY D 32 14.17 6.69 -26.32
N GLU D 33 15.45 6.68 -26.69
CA GLU D 33 16.52 6.59 -25.71
C GLU D 33 16.54 7.82 -24.82
N TYR D 34 16.95 7.62 -23.57
CA TYR D 34 17.22 8.64 -22.57
C TYR D 34 15.94 9.24 -21.97
N SER D 35 14.77 8.97 -22.53
CA SER D 35 13.53 9.40 -21.91
C SER D 35 13.31 8.66 -20.61
N TYR D 36 12.91 9.39 -19.57
CA TYR D 36 12.78 8.81 -18.24
C TYR D 36 11.39 9.07 -17.66
N TYR D 37 11.03 8.24 -16.68
CA TYR D 37 9.81 8.38 -15.90
C TYR D 37 10.21 8.46 -14.44
N ASP D 38 9.97 9.62 -13.82
CA ASP D 38 10.17 9.75 -12.38
C ASP D 38 8.96 9.14 -11.67
N SER D 39 9.11 7.92 -11.21
CA SER D 39 8.02 7.22 -10.58
C SER D 39 7.57 7.93 -9.30
N LYS D 40 6.40 7.52 -8.83
CA LYS D 40 5.97 7.93 -7.49
C LYS D 40 6.45 6.93 -6.46
N ARG D 41 6.22 5.63 -6.71
CA ARG D 41 6.60 4.57 -5.78
C ARG D 41 7.25 3.40 -6.52
N GLY D 42 7.92 3.69 -7.64
CA GLY D 42 8.64 2.66 -8.36
C GLY D 42 7.81 1.88 -9.37
N GLU D 43 6.61 2.33 -9.67
CA GLU D 43 5.77 1.65 -10.65
C GLU D 43 6.36 1.79 -12.04
N SER D 44 6.06 0.82 -12.89
CA SER D 44 6.58 0.85 -14.25
C SER D 44 5.88 1.92 -15.08
N PHE D 45 6.59 2.41 -16.09
CA PHE D 45 5.97 3.32 -17.06
C PHE D 45 4.75 2.67 -17.70
N GLU D 46 4.86 1.38 -18.03
CA GLU D 46 3.73 0.70 -18.66
C GLU D 46 2.50 0.70 -17.76
N ASP D 47 2.70 0.48 -16.46
CA ASP D 47 1.57 0.54 -15.53
C ASP D 47 0.79 1.84 -15.68
N GLN D 48 1.45 2.89 -16.15
CA GLN D 48 0.78 4.16 -16.39
C GLN D 48 0.04 4.20 -17.71
N VAL D 49 0.37 3.29 -18.64
CA VAL D 49 -0.36 3.19 -19.90
C VAL D 49 -1.62 2.39 -19.67
N LEU D 50 -2.77 2.94 -20.05
CA LEU D 50 -4.06 2.40 -19.66
C LEU D 50 -4.94 2.14 -20.87
N TYR D 51 -5.82 1.15 -20.72
CA TYR D 51 -6.80 0.81 -21.76
C TYR D 51 -6.10 0.46 -23.07
N HIS D 52 -4.94 -0.19 -22.97
CA HIS D 52 -4.11 -0.53 -24.12
C HIS D 52 -4.28 -2.01 -24.43
N TYR D 53 -4.80 -2.30 -25.62
CA TYR D 53 -5.13 -3.67 -26.01
C TYR D 53 -4.56 -4.00 -27.38
N GLU D 54 -4.08 -5.23 -27.54
CA GLU D 54 -3.50 -5.65 -28.82
C GLU D 54 -4.56 -5.67 -29.92
N VAL D 55 -5.82 -5.94 -29.57
CA VAL D 55 -6.88 -6.05 -30.57
C VAL D 55 -6.98 -4.78 -31.40
N ILE D 56 -6.79 -3.63 -30.74
CA ILE D 56 -7.01 -2.35 -31.42
C ILE D 56 -5.81 -1.99 -32.29
N GLY D 57 -4.60 -2.35 -31.85
CA GLY D 57 -3.41 -2.08 -32.63
C GLY D 57 -2.83 -0.70 -32.48
N ASP D 58 -3.38 0.13 -31.59
CA ASP D 58 -2.88 1.48 -31.42
C ASP D 58 -1.56 1.47 -30.66
N LYS D 59 -0.73 2.47 -30.96
CA LYS D 59 0.63 2.55 -30.44
C LYS D 59 0.80 3.79 -29.57
N LEU D 60 1.74 3.70 -28.63
CA LEU D 60 2.21 4.83 -27.85
C LEU D 60 3.65 5.10 -28.24
N ILE D 61 3.93 6.29 -28.78
CA ILE D 61 5.25 6.62 -29.31
C ILE D 61 5.78 7.84 -28.59
N ILE D 62 6.96 7.72 -28.00
CA ILE D 62 7.61 8.78 -27.27
C ILE D 62 9.00 8.98 -27.86
N GLY D 63 9.42 10.22 -28.01
CA GLY D 63 10.70 10.54 -28.60
C GLY D 63 11.84 10.39 -27.62
N ARG D 64 12.98 10.92 -28.02
CA ARG D 64 14.18 10.88 -27.20
C ARG D 64 14.22 12.07 -26.26
N PHE D 65 14.87 11.86 -25.11
CA PHE D 65 15.17 12.94 -24.17
C PHE D 65 13.90 13.58 -23.61
N CYS D 66 12.88 12.76 -23.37
CA CYS D 66 11.64 13.25 -22.82
C CYS D 66 11.63 13.10 -21.30
N SER D 67 10.91 14.00 -20.64
CA SER D 67 10.71 13.98 -19.19
C SER D 67 9.25 13.67 -18.91
N ILE D 68 9.01 12.57 -18.19
CA ILE D 68 7.65 12.17 -17.81
C ILE D 68 7.52 12.33 -16.31
N GLY D 69 6.63 13.24 -15.89
CA GLY D 69 6.43 13.52 -14.49
C GLY D 69 5.71 12.39 -13.79
N PRO D 70 5.93 12.25 -12.48
CA PRO D 70 5.27 11.18 -11.73
C PRO D 70 3.76 11.24 -11.90
N GLY D 71 3.16 10.07 -12.11
CA GLY D 71 1.73 9.93 -12.21
C GLY D 71 1.15 10.22 -13.58
N THR D 72 1.96 10.69 -14.53
CA THR D 72 1.47 10.91 -15.88
C THR D 72 0.78 9.65 -16.38
N THR D 73 -0.40 9.83 -16.97
CA THR D 73 -1.23 8.72 -17.42
C THR D 73 -1.50 8.84 -18.91
N PHE D 74 -1.41 7.72 -19.60
CA PHE D 74 -1.70 7.64 -21.03
C PHE D 74 -2.96 6.81 -21.21
N ILE D 75 -3.99 7.42 -21.77
CA ILE D 75 -5.27 6.75 -21.97
C ILE D 75 -5.36 6.40 -23.45
N MET D 76 -5.27 5.10 -23.75
CA MET D 76 -5.28 4.64 -25.13
C MET D 76 -6.72 4.46 -25.62
N ASN D 77 -6.84 4.03 -26.88
CA ASN D 77 -8.12 4.10 -27.57
C ASN D 77 -9.12 3.07 -27.06
N GLY D 78 -8.68 2.07 -26.31
CA GLY D 78 -9.60 1.09 -25.76
C GLY D 78 -10.60 1.66 -24.77
N ALA D 79 -10.48 2.94 -24.43
CA ALA D 79 -11.34 3.52 -23.40
C ALA D 79 -12.67 3.98 -23.96
N ASN D 80 -12.73 4.33 -25.23
CA ASN D 80 -13.93 4.94 -25.79
C ASN D 80 -14.99 3.88 -26.07
N HIS D 81 -16.22 4.14 -25.62
CA HIS D 81 -17.33 3.25 -25.86
C HIS D 81 -17.90 3.46 -27.26
N ARG D 82 -18.72 2.51 -27.70
CA ARG D 82 -19.57 2.76 -28.86
C ARG D 82 -20.56 3.85 -28.51
N MET D 83 -20.77 4.84 -29.39
CA MET D 83 -21.71 5.96 -29.11
C MET D 83 -22.83 6.06 -30.16
N ASP D 84 -23.00 5.06 -31.03
CA ASP D 84 -24.06 5.07 -32.06
C ASP D 84 -25.42 5.11 -31.36
N GLY D 85 -25.59 4.30 -30.32
CA GLY D 85 -26.80 4.22 -29.49
C GLY D 85 -26.43 4.32 -28.01
N SER D 86 -26.80 3.34 -27.18
CA SER D 86 -26.43 3.29 -25.74
C SER D 86 -24.94 2.92 -25.68
N THR D 87 -24.18 3.53 -24.77
CA THR D 87 -22.72 3.33 -24.65
C THR D 87 -22.39 2.09 -23.82
N TYR D 88 -23.33 1.57 -23.02
CA TYR D 88 -23.12 0.47 -22.10
C TYR D 88 -22.46 -0.72 -22.81
N PRO D 89 -21.35 -1.26 -22.28
CA PRO D 89 -20.66 -2.38 -22.95
C PRO D 89 -21.29 -3.73 -22.60
N PHE D 90 -22.48 -3.97 -23.14
CA PHE D 90 -23.24 -5.16 -22.77
C PHE D 90 -22.41 -6.43 -22.92
N HIS D 91 -21.61 -6.52 -23.98
CA HIS D 91 -20.94 -7.77 -24.30
C HIS D 91 -19.96 -8.22 -23.22
N LEU D 92 -19.42 -7.28 -22.45
CA LEU D 92 -18.41 -7.54 -21.38
C LEU D 92 -18.89 -8.56 -20.34
N PHE D 93 -20.19 -8.61 -20.04
CA PHE D 93 -20.79 -9.48 -19.00
C PHE D 93 -21.10 -10.88 -19.53
N ARG D 94 -21.04 -11.10 -20.86
CA ARG D 94 -21.28 -12.41 -21.52
C ARG D 94 -22.70 -12.88 -21.11
N MET D 95 -22.97 -14.14 -20.74
CA MET D 95 -24.32 -14.63 -20.35
C MET D 95 -25.37 -14.31 -21.44
N GLY D 96 -25.01 -14.47 -22.72
CA GLY D 96 -25.88 -14.23 -23.89
C GLY D 96 -25.73 -12.86 -24.53
N TRP D 97 -24.97 -11.95 -23.92
CA TRP D 97 -24.68 -10.57 -24.41
C TRP D 97 -23.40 -10.57 -25.25
N GLU D 98 -22.64 -11.67 -25.30
CA GLU D 98 -21.35 -11.71 -26.06
C GLU D 98 -21.63 -11.43 -27.55
N LYS D 99 -22.76 -11.90 -28.07
CA LYS D 99 -23.27 -11.64 -29.44
C LYS D 99 -23.08 -10.17 -29.83
N TYR D 100 -23.35 -9.22 -28.92
CA TYR D 100 -23.31 -7.79 -29.26
C TYR D 100 -21.93 -7.20 -29.09
N MET D 101 -20.90 -7.95 -29.41
CA MET D 101 -19.54 -7.42 -29.30
C MET D 101 -19.21 -6.57 -30.51
N PRO D 102 -18.77 -5.33 -30.34
CA PRO D 102 -18.62 -4.42 -31.46
C PRO D 102 -17.39 -4.77 -32.28
N SER D 103 -17.36 -4.26 -33.52
CA SER D 103 -16.15 -4.30 -34.31
C SER D 103 -15.45 -2.94 -34.24
N LEU D 104 -14.19 -2.93 -34.66
CA LEU D 104 -13.37 -1.74 -34.53
C LEU D 104 -13.88 -0.58 -35.39
N LYS D 105 -14.60 -0.86 -36.48
CA LYS D 105 -15.22 0.22 -37.24
C LYS D 105 -16.27 0.95 -36.41
N ASP D 106 -16.94 0.25 -35.51
CA ASP D 106 -18.01 0.82 -34.70
C ASP D 106 -17.51 1.73 -33.58
N LEU D 107 -16.22 1.70 -33.28
CA LEU D 107 -15.70 2.42 -32.14
C LEU D 107 -15.06 3.73 -32.58
N PRO D 108 -15.10 4.77 -31.75
CA PRO D 108 -14.45 6.05 -32.09
C PRO D 108 -12.95 6.05 -31.81
N LEU D 109 -12.19 5.36 -32.67
CA LEU D 109 -10.74 5.28 -32.49
C LEU D 109 -10.06 6.51 -33.08
N LYS D 110 -9.09 7.05 -32.36
CA LYS D 110 -8.52 8.35 -32.66
C LYS D 110 -7.07 8.28 -33.16
N GLY D 111 -6.42 7.14 -33.04
CA GLY D 111 -5.06 6.97 -33.52
C GLY D 111 -4.06 6.82 -32.37
N ASP D 112 -2.79 6.77 -32.77
CA ASP D 112 -1.72 6.59 -31.80
C ASP D 112 -1.47 7.88 -31.03
N ILE D 113 -0.98 7.73 -29.81
CA ILE D 113 -0.40 8.85 -29.06
C ILE D 113 1.06 8.95 -29.47
N GLU D 114 1.46 10.10 -30.00
CA GLU D 114 2.84 10.30 -30.46
C GLU D 114 3.40 11.55 -29.80
N ILE D 115 4.46 11.37 -29.02
CA ILE D 115 5.14 12.48 -28.34
C ILE D 115 6.52 12.64 -28.97
N GLY D 116 6.86 13.88 -29.32
CA GLY D 116 8.13 14.15 -29.96
C GLY D 116 9.30 13.99 -29.03
N ASN D 117 10.39 14.70 -29.32
CA ASN D 117 11.60 14.67 -28.52
C ASN D 117 11.70 15.91 -27.63
N ASP D 118 12.48 15.78 -26.57
CA ASP D 118 12.77 16.91 -25.68
C ASP D 118 11.50 17.53 -25.12
N VAL D 119 10.52 16.70 -24.78
CA VAL D 119 9.24 17.14 -24.23
C VAL D 119 9.30 17.02 -22.72
N TRP D 120 8.92 18.10 -22.03
CA TRP D 120 8.84 18.14 -20.57
C TRP D 120 7.36 17.97 -20.21
N ILE D 121 7.00 16.77 -19.75
CA ILE D 121 5.64 16.46 -19.36
C ILE D 121 5.55 16.59 -17.84
N GLY D 122 4.70 17.50 -17.39
CA GLY D 122 4.56 17.76 -15.98
C GLY D 122 4.00 16.58 -15.21
N ARG D 123 4.02 16.74 -13.89
CA ARG D 123 3.52 15.70 -12.99
C ARG D 123 2.01 15.56 -13.13
N ASP D 124 1.53 14.31 -13.05
CA ASP D 124 0.11 14.00 -12.98
C ASP D 124 -0.66 14.45 -14.21
N VAL D 125 0.01 14.51 -15.35
CA VAL D 125 -0.65 14.85 -16.60
C VAL D 125 -1.38 13.63 -17.12
N THR D 126 -2.50 13.86 -17.81
CA THR D 126 -3.27 12.81 -18.46
C THR D 126 -3.30 13.09 -19.95
N ILE D 127 -2.88 12.12 -20.75
CA ILE D 127 -2.83 12.25 -22.20
C ILE D 127 -3.89 11.34 -22.79
N MET D 128 -4.81 11.92 -23.56
CA MET D 128 -5.98 11.22 -24.08
C MET D 128 -5.69 10.65 -25.46
N PRO D 129 -6.55 9.77 -25.96
CA PRO D 129 -6.21 9.03 -27.18
C PRO D 129 -6.00 9.95 -28.37
N GLY D 130 -4.97 9.64 -29.15
CA GLY D 130 -4.77 10.23 -30.46
C GLY D 130 -4.04 11.54 -30.49
N VAL D 131 -3.66 12.10 -29.35
CA VAL D 131 -3.05 13.42 -29.34
C VAL D 131 -1.59 13.32 -29.76
N LYS D 132 -1.15 14.30 -30.54
CA LYS D 132 0.24 14.47 -30.93
C LYS D 132 0.83 15.63 -30.16
N ILE D 133 2.06 15.45 -29.66
CA ILE D 133 2.76 16.49 -28.91
C ILE D 133 4.08 16.77 -29.61
N GLY D 134 4.27 18.01 -30.05
CA GLY D 134 5.44 18.36 -30.82
C GLY D 134 6.70 18.42 -29.98
N ASP D 135 7.83 18.44 -30.71
CA ASP D 135 9.13 18.49 -30.06
C ASP D 135 9.25 19.72 -29.18
N GLY D 136 9.97 19.56 -28.06
CA GLY D 136 10.29 20.69 -27.21
C GLY D 136 9.12 21.32 -26.50
N ALA D 137 7.97 20.68 -26.47
CA ALA D 137 6.79 21.23 -25.83
C ALA D 137 6.88 21.04 -24.31
N ILE D 138 6.17 21.90 -23.59
CA ILE D 138 6.10 21.84 -22.14
C ILE D 138 4.63 21.69 -21.74
N ILE D 139 4.32 20.58 -21.08
CA ILE D 139 2.97 20.32 -20.56
C ILE D 139 2.98 20.63 -19.08
N ALA D 140 2.19 21.64 -18.68
CA ALA D 140 2.13 22.01 -17.28
C ALA D 140 1.61 20.85 -16.43
N ALA D 141 1.95 20.88 -15.15
CA ALA D 141 1.49 19.84 -14.24
C ALA D 141 -0.03 19.83 -14.18
N GLU D 142 -0.60 18.65 -13.95
CA GLU D 142 -2.03 18.43 -13.78
C GLU D 142 -2.82 18.69 -15.06
N ALA D 143 -2.15 18.89 -16.19
CA ALA D 143 -2.85 19.13 -17.44
C ALA D 143 -3.52 17.86 -17.94
N VAL D 144 -4.60 18.04 -18.68
CA VAL D 144 -5.28 16.96 -19.39
C VAL D 144 -5.17 17.30 -20.87
N VAL D 145 -4.28 16.59 -21.58
CA VAL D 145 -3.95 16.91 -22.96
C VAL D 145 -5.10 16.41 -23.83
N THR D 146 -5.99 17.32 -24.20
CA THR D 146 -7.21 17.02 -24.94
C THR D 146 -7.04 17.14 -26.44
N LYS D 147 -6.03 17.86 -26.91
CA LYS D 147 -5.85 18.16 -28.32
C LYS D 147 -4.35 18.20 -28.60
N ASN D 148 -4.01 18.44 -29.87
CA ASN D 148 -2.62 18.42 -30.27
C ASN D 148 -1.87 19.62 -29.71
N VAL D 149 -0.55 19.46 -29.63
CA VAL D 149 0.35 20.45 -29.04
C VAL D 149 1.43 20.76 -30.06
N ALA D 150 1.62 22.03 -30.35
CA ALA D 150 2.63 22.41 -31.34
C ALA D 150 4.03 22.30 -30.75
N PRO D 151 5.04 22.05 -31.59
CA PRO D 151 6.41 22.06 -31.10
C PRO D 151 6.72 23.34 -30.32
N TYR D 152 7.45 23.18 -29.21
CA TYR D 152 7.93 24.31 -28.43
C TYR D 152 6.79 25.23 -27.99
N SER D 153 5.66 24.62 -27.64
CA SER D 153 4.53 25.32 -27.07
C SER D 153 4.40 24.93 -25.61
N ILE D 154 3.95 25.87 -24.79
CA ILE D 154 3.64 25.63 -23.38
C ILE D 154 2.13 25.60 -23.25
N VAL D 155 1.59 24.50 -22.71
CA VAL D 155 0.16 24.27 -22.60
C VAL D 155 -0.14 23.77 -21.19
N GLY D 156 -1.43 23.71 -20.88
CA GLY D 156 -1.86 23.25 -19.57
C GLY D 156 -3.36 23.43 -19.41
N GLY D 157 -3.86 22.86 -18.31
CA GLY D 157 -5.26 22.99 -17.95
C GLY D 157 -6.09 21.79 -18.40
N ASN D 158 -7.36 21.82 -18.00
CA ASN D 158 -8.32 20.78 -18.35
C ASN D 158 -9.67 21.41 -18.65
N PRO D 159 -10.11 21.44 -19.93
CA PRO D 159 -9.37 20.97 -21.10
C PRO D 159 -8.11 21.79 -21.37
N LEU D 160 -7.23 21.25 -22.20
CA LEU D 160 -5.95 21.90 -22.46
C LEU D 160 -6.15 23.32 -22.99
N LYS D 161 -5.29 24.22 -22.54
CA LYS D 161 -5.27 25.61 -23.00
C LYS D 161 -3.85 25.99 -23.38
N PHE D 162 -3.72 26.64 -24.53
CA PHE D 162 -2.44 27.17 -24.99
C PHE D 162 -2.05 28.36 -24.12
N ILE D 163 -0.79 28.39 -23.68
CA ILE D 163 -0.30 29.45 -22.82
C ILE D 163 0.59 30.40 -23.61
N ARG D 164 1.68 29.87 -24.15
CA ARG D 164 2.76 30.65 -24.73
C ARG D 164 3.54 29.70 -25.63
N LYS D 165 4.34 30.27 -26.53
CA LYS D 165 5.37 29.53 -27.23
C LYS D 165 6.72 29.95 -26.67
N ARG D 166 7.59 28.97 -26.45
CA ARG D 166 8.82 29.21 -25.69
C ARG D 166 9.73 30.21 -26.39
N PHE D 167 9.85 30.07 -27.69
CA PHE D 167 10.65 30.98 -28.49
C PHE D 167 9.77 31.51 -29.59
N SER D 168 10.37 32.33 -30.42
CA SER D 168 9.65 32.79 -31.58
C SER D 168 9.46 31.65 -32.57
N ASP D 169 8.68 31.94 -33.60
CA ASP D 169 8.54 30.97 -34.67
C ASP D 169 9.82 30.86 -35.51
N GLY D 170 10.59 31.94 -35.58
CA GLY D 170 11.86 31.88 -36.29
C GLY D 170 12.87 31.00 -35.57
N VAL D 171 13.00 31.18 -34.25
CA VAL D 171 13.90 30.34 -33.47
C VAL D 171 13.35 28.92 -33.38
N ILE D 172 12.03 28.75 -33.40
CA ILE D 172 11.45 27.42 -33.36
C ILE D 172 11.79 26.65 -34.63
N GLU D 173 11.73 27.32 -35.79
CA GLU D 173 12.14 26.68 -37.03
C GLU D 173 13.59 26.21 -36.96
N GLU D 174 14.46 27.04 -36.37
CA GLU D 174 15.88 26.70 -36.29
C GLU D 174 16.12 25.51 -35.37
N TRP D 175 15.34 25.40 -34.30
CA TRP D 175 15.48 24.26 -33.41
C TRP D 175 14.99 22.98 -34.09
N LEU D 176 13.92 23.09 -34.89
CA LEU D 176 13.38 21.91 -35.56
C LEU D 176 14.22 21.52 -36.76
N ALA D 177 14.91 22.47 -37.40
CA ALA D 177 15.83 22.12 -38.46
C ALA D 177 17.07 21.43 -37.92
N LEU D 178 17.52 21.80 -36.72
CA LEU D 178 18.75 21.25 -36.17
C LEU D 178 18.54 19.84 -35.64
N GLN D 179 17.39 19.59 -34.99
CA GLN D 179 17.05 18.26 -34.45
C GLN D 179 18.26 17.65 -33.74
N TRP D 180 18.69 18.26 -32.63
CA TRP D 180 19.91 17.79 -31.97
C TRP D 180 19.72 16.40 -31.38
N TRP D 181 18.49 16.03 -31.05
CA TRP D 181 18.24 14.70 -30.49
C TRP D 181 18.58 13.58 -31.46
N ASN D 182 18.64 13.88 -32.76
CA ASN D 182 18.90 12.87 -33.78
C ASN D 182 20.36 12.83 -34.21
N LEU D 183 21.23 13.63 -33.62
CA LEU D 183 22.63 13.65 -34.01
C LEU D 183 23.39 12.53 -33.31
N ASP D 184 24.46 12.06 -33.95
CA ASP D 184 25.38 11.15 -33.30
C ASP D 184 25.75 11.71 -31.93
N MET D 185 25.84 10.83 -30.94
CA MET D 185 25.90 11.28 -29.55
C MET D 185 27.29 11.78 -29.13
N LYS D 186 28.32 11.56 -29.94
CA LYS D 186 29.56 12.31 -29.71
C LYS D 186 29.35 13.79 -30.03
N ILE D 187 28.49 14.09 -31.01
CA ILE D 187 28.19 15.46 -31.38
C ILE D 187 27.25 16.11 -30.36
N ILE D 188 26.27 15.36 -29.88
CA ILE D 188 25.43 15.86 -28.80
C ILE D 188 26.30 16.27 -27.61
N ASN D 189 27.32 15.46 -27.31
CA ASN D 189 28.08 15.64 -26.08
C ASN D 189 29.00 16.85 -26.15
N GLU D 190 29.60 17.11 -27.30
CA GLU D 190 30.50 18.25 -27.42
C GLU D 190 29.75 19.56 -27.67
N ASN D 191 28.42 19.51 -27.76
CA ASN D 191 27.60 20.71 -27.88
C ASN D 191 26.60 20.85 -26.75
N LEU D 192 26.62 19.96 -25.77
CA LEU D 192 25.65 20.02 -24.68
C LEU D 192 25.59 21.39 -24.02
N PRO D 193 26.71 22.09 -23.77
CA PRO D 193 26.59 23.48 -23.27
C PRO D 193 25.57 24.28 -24.06
N PHE D 194 25.63 24.19 -25.40
CA PHE D 194 24.80 25.02 -26.26
C PHE D 194 23.35 24.52 -26.30
N ILE D 195 23.16 23.20 -26.29
CA ILE D 195 21.79 22.66 -26.28
C ILE D 195 21.09 23.05 -24.98
N ILE D 196 21.78 22.92 -23.85
CA ILE D 196 21.18 23.26 -22.57
C ILE D 196 20.86 24.74 -22.50
N ASN D 197 21.79 25.57 -22.93
CA ASN D 197 21.72 27.01 -22.75
C ASN D 197 20.99 27.73 -23.85
N GLY D 198 20.53 27.01 -24.86
CA GLY D 198 19.64 27.58 -25.85
C GLY D 198 20.25 28.62 -26.74
N ASP D 199 21.58 28.76 -26.79
CA ASP D 199 22.18 29.68 -27.75
C ASP D 199 22.20 28.99 -29.11
N ILE D 200 21.08 29.13 -29.82
CA ILE D 200 20.95 28.62 -31.17
C ILE D 200 21.98 29.22 -32.12
N GLU D 201 22.37 30.47 -31.92
CA GLU D 201 23.29 31.08 -32.88
C GLU D 201 24.74 30.56 -32.74
N MET D 202 25.02 29.73 -31.74
CA MET D 202 26.29 29.03 -31.71
C MET D 202 26.22 27.78 -32.58
N LEU D 203 25.23 26.91 -32.35
CA LEU D 203 25.05 25.74 -33.20
C LEU D 203 24.73 26.14 -34.63
N LYS D 204 24.03 27.26 -34.79
CA LYS D 204 23.96 27.99 -36.06
C LYS D 204 25.20 27.82 -36.91
N ARG D 205 26.33 28.02 -36.26
CA ARG D 205 27.59 28.34 -36.89
C ARG D 205 28.54 27.17 -36.95
N LYS D 206 28.40 26.22 -36.03
CA LYS D 206 29.16 24.99 -36.13
C LYS D 206 28.77 24.22 -37.39
N ARG D 207 27.47 24.15 -37.68
CA ARG D 207 26.98 23.44 -38.87
C ARG D 207 27.23 24.26 -40.13
N HIS E 1 -30.78 -24.10 4.24
CA HIS E 1 -30.48 -24.99 3.13
C HIS E 1 -28.97 -24.94 2.82
N GLY E 2 -28.41 -23.72 2.81
CA GLY E 2 -27.00 -23.55 2.55
C GLY E 2 -26.71 -22.41 1.60
N PRO E 3 -25.51 -21.85 1.69
CA PRO E 3 -25.09 -20.83 0.72
C PRO E 3 -24.52 -21.46 -0.54
N ASP E 4 -24.50 -20.65 -1.60
CA ASP E 4 -24.00 -21.10 -2.90
C ASP E 4 -22.49 -21.28 -2.85
N PRO E 5 -21.97 -22.50 -3.03
CA PRO E 5 -20.51 -22.66 -3.08
C PRO E 5 -19.85 -21.77 -4.13
N GLU E 6 -20.55 -21.48 -5.21
CA GLU E 6 -20.00 -20.65 -6.29
C GLU E 6 -20.06 -19.15 -5.98
N ASN E 7 -20.72 -18.76 -4.90
CA ASN E 7 -20.70 -17.36 -4.46
C ASN E 7 -19.32 -17.03 -3.89
N ILE E 8 -18.65 -16.04 -4.49
CA ILE E 8 -17.27 -15.76 -4.10
C ILE E 8 -17.23 -15.09 -2.73
N LEU E 9 -18.23 -14.25 -2.42
CA LEU E 9 -18.28 -13.50 -1.17
C LEU E 9 -19.57 -13.90 -0.45
N PRO E 10 -19.55 -15.03 0.26
CA PRO E 10 -20.82 -15.55 0.81
C PRO E 10 -21.31 -14.80 2.04
N ILE E 11 -20.48 -13.97 2.65
CA ILE E 11 -20.86 -13.15 3.79
C ILE E 11 -21.08 -11.72 3.30
N LYS E 12 -22.31 -11.23 3.40
CA LYS E 12 -22.63 -9.96 2.79
C LYS E 12 -22.05 -8.81 3.61
N GLY E 13 -21.52 -7.82 2.90
CA GLY E 13 -20.79 -6.73 3.51
C GLY E 13 -19.34 -7.04 3.81
N ASN E 14 -18.86 -8.24 3.46
CA ASN E 14 -17.52 -8.69 3.81
C ASN E 14 -16.78 -9.02 2.51
N ARG E 15 -15.89 -8.13 2.08
CA ARG E 15 -15.15 -8.38 0.85
C ARG E 15 -13.89 -9.22 1.06
N ASN E 16 -13.44 -9.41 2.29
CA ASN E 16 -12.18 -10.11 2.50
C ASN E 16 -12.35 -11.63 2.45
N LEU E 17 -13.43 -12.16 3.02
CA LEU E 17 -13.61 -13.60 3.09
C LEU E 17 -14.16 -14.14 1.78
N GLN E 18 -13.51 -15.18 1.24
CA GLN E 18 -13.85 -15.71 -0.07
C GLN E 18 -13.98 -17.23 -0.03
N PHE E 19 -14.90 -17.76 -0.84
CA PHE E 19 -14.90 -19.17 -1.18
C PHE E 19 -13.84 -19.40 -2.25
N ILE E 20 -12.86 -20.26 -1.95
CA ILE E 20 -11.70 -20.39 -2.83
C ILE E 20 -12.12 -20.88 -4.21
N LYS E 21 -12.98 -21.89 -4.27
CA LYS E 21 -13.20 -22.60 -5.52
C LYS E 21 -13.70 -21.71 -6.65
N PRO E 22 -14.72 -20.87 -6.46
CA PRO E 22 -15.17 -20.03 -7.58
C PRO E 22 -14.17 -18.96 -8.01
N THR E 23 -13.04 -18.81 -7.30
CA THR E 23 -12.02 -17.85 -7.72
C THR E 23 -10.87 -18.48 -8.48
N ILE E 24 -10.79 -19.82 -8.51
CA ILE E 24 -9.61 -20.49 -9.03
C ILE E 24 -9.55 -20.31 -10.54
N THR E 25 -8.40 -19.81 -11.03
CA THR E 25 -8.15 -19.65 -12.45
C THR E 25 -7.15 -20.66 -12.99
N ASN E 26 -6.46 -21.39 -12.12
CA ASN E 26 -5.39 -22.31 -12.50
C ASN E 26 -5.88 -23.74 -12.47
N GLU E 27 -5.57 -24.49 -13.53
CA GLU E 27 -6.07 -25.85 -13.66
C GLU E 27 -5.42 -26.80 -12.66
N ASN E 28 -4.28 -26.44 -12.09
CA ASN E 28 -3.57 -27.30 -11.15
C ASN E 28 -3.88 -26.97 -9.70
N ILE E 29 -4.88 -26.14 -9.45
CA ILE E 29 -5.35 -25.85 -8.10
C ILE E 29 -6.75 -26.43 -7.99
N LEU E 30 -6.92 -27.44 -7.14
CA LEU E 30 -8.18 -28.14 -6.98
C LEU E 30 -8.68 -27.96 -5.54
N VAL E 31 -9.69 -27.12 -5.37
CA VAL E 31 -10.22 -26.80 -4.05
C VAL E 31 -11.68 -27.22 -4.00
N GLY E 32 -12.08 -27.83 -2.89
CA GLY E 32 -13.41 -28.37 -2.76
C GLY E 32 -14.45 -27.31 -2.44
N GLU E 33 -15.71 -27.70 -2.63
CA GLU E 33 -16.82 -26.80 -2.38
C GLU E 33 -16.84 -26.39 -0.91
N TYR E 34 -17.25 -25.15 -0.67
CA TYR E 34 -17.46 -24.54 0.64
C TYR E 34 -16.16 -24.15 1.35
N SER E 35 -14.99 -24.47 0.80
CA SER E 35 -13.72 -24.12 1.42
C SER E 35 -13.42 -22.65 1.20
N TYR E 36 -13.08 -21.94 2.28
CA TYR E 36 -12.95 -20.49 2.22
C TYR E 36 -11.57 -20.01 2.66
N TYR E 37 -11.22 -18.82 2.17
CA TYR E 37 -9.98 -18.13 2.53
C TYR E 37 -10.37 -16.77 3.08
N ASP E 38 -10.02 -16.51 4.33
CA ASP E 38 -10.31 -15.24 4.99
C ASP E 38 -9.12 -14.32 4.75
N SER E 39 -9.19 -13.53 3.68
CA SER E 39 -8.03 -12.79 3.21
C SER E 39 -7.75 -11.57 4.08
N LYS E 40 -6.51 -11.08 4.04
CA LYS E 40 -6.05 -9.91 4.82
C LYS E 40 -6.48 -8.59 4.16
N ARG E 41 -6.00 -8.32 2.94
CA ARG E 41 -6.25 -7.05 2.20
C ARG E 41 -7.20 -7.23 1.01
N GLY E 42 -7.84 -8.39 0.85
CA GLY E 42 -8.75 -8.65 -0.28
C GLY E 42 -8.11 -9.43 -1.41
N GLU E 43 -6.91 -9.99 -1.18
CA GLU E 43 -6.16 -10.74 -2.18
C GLU E 43 -6.82 -12.07 -2.48
N SER E 44 -6.53 -12.60 -3.66
CA SER E 44 -7.07 -13.89 -4.06
C SER E 44 -6.25 -15.02 -3.46
N PHE E 45 -6.91 -16.15 -3.21
CA PHE E 45 -6.23 -17.33 -2.68
C PHE E 45 -5.04 -17.71 -3.54
N GLU E 46 -5.19 -17.59 -4.87
CA GLU E 46 -4.08 -17.94 -5.76
C GLU E 46 -2.83 -17.13 -5.45
N ASP E 47 -3.01 -15.84 -5.11
CA ASP E 47 -1.87 -15.01 -4.76
C ASP E 47 -1.08 -15.58 -3.59
N GLN E 48 -1.66 -16.53 -2.85
CA GLN E 48 -0.97 -17.21 -1.76
C GLN E 48 -0.23 -18.45 -2.23
N VAL E 49 -0.40 -18.86 -3.48
CA VAL E 49 0.27 -20.03 -4.03
C VAL E 49 1.55 -19.55 -4.71
N LEU E 50 2.69 -19.87 -4.11
CA LEU E 50 3.96 -19.36 -4.58
C LEU E 50 4.77 -20.45 -5.29
N TYR E 51 5.66 -20.00 -6.16
CA TYR E 51 6.57 -20.88 -6.90
C TYR E 51 5.82 -22.02 -7.57
N HIS E 52 4.61 -21.73 -8.04
CA HIS E 52 3.75 -22.71 -8.69
C HIS E 52 3.84 -22.49 -10.20
N TYR E 53 4.67 -23.28 -10.86
CA TYR E 53 4.90 -23.18 -12.30
C TYR E 53 4.32 -24.41 -13.00
N GLU E 54 3.68 -24.17 -14.14
CA GLU E 54 3.06 -25.28 -14.88
C GLU E 54 4.08 -26.29 -15.36
N VAL E 55 5.34 -25.90 -15.52
CA VAL E 55 6.34 -26.84 -16.02
C VAL E 55 6.55 -27.98 -15.02
N ILE E 56 6.57 -27.65 -13.72
CA ILE E 56 6.74 -28.69 -12.71
C ILE E 56 5.57 -29.67 -12.76
N GLY E 57 4.37 -29.16 -12.98
CA GLY E 57 3.20 -30.00 -13.05
C GLY E 57 2.63 -30.40 -11.71
N ASP E 58 3.14 -29.87 -10.61
CA ASP E 58 2.64 -30.21 -9.30
C ASP E 58 1.33 -29.48 -9.03
N LYS E 59 0.42 -30.15 -8.32
CA LYS E 59 -0.90 -29.63 -8.05
C LYS E 59 -1.07 -29.37 -6.56
N LEU E 60 -1.90 -28.38 -6.23
CA LEU E 60 -2.32 -28.09 -4.86
C LEU E 60 -3.79 -28.47 -4.75
N ILE E 61 -4.11 -29.36 -3.82
CA ILE E 61 -5.46 -29.89 -3.69
C ILE E 61 -5.94 -29.64 -2.27
N ILE E 62 -7.19 -29.22 -2.14
CA ILE E 62 -7.81 -28.93 -0.86
C ILE E 62 -9.23 -29.48 -0.90
N GLY E 63 -9.62 -30.20 0.15
CA GLY E 63 -10.94 -30.81 0.20
C GLY E 63 -12.04 -29.81 0.48
N ARG E 64 -13.15 -30.31 1.02
CA ARG E 64 -14.32 -29.47 1.28
C ARG E 64 -14.30 -28.97 2.72
N PHE E 65 -14.99 -27.84 2.92
CA PHE E 65 -15.28 -27.30 4.26
C PHE E 65 -14.00 -26.99 5.04
N CYS E 66 -13.05 -26.35 4.38
CA CYS E 66 -11.77 -26.03 5.00
C CYS E 66 -11.71 -24.55 5.37
N SER E 67 -11.07 -24.27 6.51
CA SER E 67 -10.82 -22.91 6.98
C SER E 67 -9.36 -22.58 6.67
N ILE E 68 -9.13 -21.67 5.73
CA ILE E 68 -7.80 -21.20 5.41
C ILE E 68 -7.64 -19.81 6.02
N GLY E 69 -6.74 -19.71 7.00
CA GLY E 69 -6.53 -18.48 7.71
C GLY E 69 -5.81 -17.43 6.88
N PRO E 70 -6.02 -16.16 7.20
CA PRO E 70 -5.37 -15.09 6.43
C PRO E 70 -3.85 -15.25 6.41
N GLY E 71 -3.28 -14.99 5.25
CA GLY E 71 -1.83 -15.05 5.08
C GLY E 71 -1.26 -16.43 4.85
N THR E 72 -2.06 -17.48 4.97
CA THR E 72 -1.56 -18.83 4.72
C THR E 72 -0.88 -18.89 3.35
N THR E 73 0.32 -19.46 3.33
CA THR E 73 1.15 -19.49 2.14
C THR E 73 1.45 -20.92 1.75
N PHE E 74 1.41 -21.20 0.45
CA PHE E 74 1.66 -22.52 -0.11
C PHE E 74 2.91 -22.43 -0.96
N ILE E 75 3.96 -23.14 -0.54
CA ILE E 75 5.23 -23.16 -1.26
C ILE E 75 5.23 -24.38 -2.17
N MET E 76 5.10 -24.15 -3.47
CA MET E 76 5.02 -25.25 -4.41
C MET E 76 6.42 -25.70 -4.81
N ASN E 77 6.49 -26.77 -5.60
CA ASN E 77 7.75 -27.49 -5.77
C ASN E 77 8.76 -26.74 -6.62
N GLY E 78 8.33 -25.75 -7.38
CA GLY E 78 9.26 -24.94 -8.13
C GLY E 78 10.18 -24.07 -7.30
N ALA E 79 10.06 -24.13 -5.98
CA ALA E 79 10.86 -23.31 -5.08
C ALA E 79 12.19 -23.94 -4.72
N ASN E 80 12.38 -25.24 -5.00
CA ASN E 80 13.56 -25.95 -4.56
C ASN E 80 14.68 -25.82 -5.59
N HIS E 81 15.85 -25.41 -5.12
CA HIS E 81 17.01 -25.29 -5.99
C HIS E 81 17.63 -26.66 -6.22
N ARG E 82 18.46 -26.73 -7.25
CA ARG E 82 19.25 -27.93 -7.49
C ARG E 82 20.34 -28.03 -6.43
N MET E 83 20.48 -29.22 -5.84
CA MET E 83 21.39 -29.42 -4.71
C MET E 83 22.53 -30.37 -5.03
N ASP E 84 22.77 -30.69 -6.30
CA ASP E 84 23.83 -31.64 -6.63
C ASP E 84 25.21 -31.06 -6.32
N GLY E 85 25.43 -29.79 -6.66
CA GLY E 85 26.67 -29.12 -6.34
C GLY E 85 26.42 -27.73 -5.80
N SER E 86 26.21 -26.78 -6.70
CA SER E 86 25.89 -25.41 -6.35
C SER E 86 24.39 -25.15 -6.52
N THR E 87 23.84 -24.37 -5.60
CA THR E 87 22.41 -24.06 -5.60
C THR E 87 22.06 -22.83 -6.43
N TYR E 88 23.05 -22.05 -6.84
CA TYR E 88 22.82 -20.85 -7.63
C TYR E 88 22.20 -21.19 -8.98
N PRO E 89 21.03 -20.64 -9.33
CA PRO E 89 20.40 -20.94 -10.62
C PRO E 89 20.93 -20.07 -11.76
N PHE E 90 22.10 -20.46 -12.28
CA PHE E 90 22.77 -19.64 -13.27
C PHE E 90 21.89 -19.38 -14.49
N HIS E 91 21.11 -20.35 -14.91
CA HIS E 91 20.30 -20.27 -16.16
C HIS E 91 19.30 -19.08 -16.21
N LEU E 92 18.83 -18.51 -15.08
CA LEU E 92 17.79 -17.44 -15.06
C LEU E 92 18.26 -16.18 -15.78
N PHE E 93 19.51 -15.78 -15.55
CA PHE E 93 20.13 -14.54 -16.07
C PHE E 93 20.44 -14.65 -17.57
N ARG E 94 20.59 -15.87 -18.09
CA ARG E 94 20.86 -16.16 -19.53
C ARG E 94 22.18 -15.45 -19.92
N MET E 95 22.34 -14.82 -21.10
CA MET E 95 23.63 -14.22 -21.54
C MET E 95 24.75 -15.26 -21.45
N GLY E 96 24.50 -16.48 -21.95
CA GLY E 96 25.47 -17.60 -22.02
C GLY E 96 25.35 -18.62 -20.90
N TRP E 97 24.52 -18.38 -19.88
CA TRP E 97 24.30 -19.28 -18.72
C TRP E 97 23.04 -20.13 -18.93
N GLU E 98 22.29 -19.96 -20.04
CA GLU E 98 21.06 -20.71 -20.25
C GLU E 98 21.31 -22.17 -20.60
N LYS E 99 22.52 -22.51 -21.05
CA LYS E 99 22.81 -23.87 -21.46
C LYS E 99 22.87 -24.83 -20.27
N TYR E 100 23.11 -24.28 -19.07
CA TYR E 100 23.18 -25.04 -17.79
C TYR E 100 21.83 -24.92 -17.08
N MET E 101 20.77 -25.39 -17.73
CA MET E 101 19.39 -25.33 -17.17
C MET E 101 19.07 -26.71 -16.60
N PRO E 102 18.63 -26.83 -15.33
CA PRO E 102 18.39 -28.13 -14.75
C PRO E 102 17.16 -28.81 -15.36
N SER E 103 17.22 -30.12 -15.60
CA SER E 103 16.06 -30.91 -16.07
C SER E 103 15.19 -31.22 -14.85
N LEU E 104 13.90 -31.50 -15.05
CA LEU E 104 12.96 -31.82 -13.95
C LEU E 104 13.56 -32.86 -13.01
N LYS E 105 14.25 -33.94 -13.54
CA LYS E 105 14.81 -35.06 -12.81
C LYS E 105 16.10 -34.71 -12.07
N ASP E 106 16.60 -33.49 -12.22
CA ASP E 106 17.73 -33.01 -11.44
C ASP E 106 17.32 -32.22 -10.21
N LEU E 107 16.03 -31.94 -10.05
CA LEU E 107 15.47 -31.11 -9.00
C LEU E 107 14.85 -31.95 -7.89
N PRO E 108 14.95 -31.51 -6.63
CA PRO E 108 14.27 -32.26 -5.55
C PRO E 108 12.77 -31.99 -5.52
N LEU E 109 12.06 -32.61 -6.46
CA LEU E 109 10.61 -32.50 -6.50
C LEU E 109 9.99 -33.43 -5.47
N LYS E 110 8.99 -32.91 -4.75
CA LYS E 110 8.44 -33.59 -3.60
C LYS E 110 6.96 -33.97 -3.75
N GLY E 111 6.31 -33.57 -4.83
CA GLY E 111 4.95 -34.01 -5.10
C GLY E 111 3.91 -32.95 -4.75
N ASP E 112 2.66 -33.35 -4.93
CA ASP E 112 1.56 -32.43 -4.72
C ASP E 112 1.39 -32.09 -3.24
N ILE E 113 0.86 -30.90 -2.98
CA ILE E 113 0.31 -30.55 -1.69
C ILE E 113 -1.15 -31.00 -1.69
N GLU E 114 -1.49 -31.92 -0.78
CA GLU E 114 -2.84 -32.45 -0.67
C GLU E 114 -3.37 -32.16 0.72
N ILE E 115 -4.44 -31.37 0.80
CA ILE E 115 -5.11 -31.05 2.05
C ILE E 115 -6.48 -31.70 2.03
N GLY E 116 -6.86 -32.28 3.17
CA GLY E 116 -8.10 -33.01 3.27
C GLY E 116 -9.29 -32.10 3.52
N ASN E 117 -10.37 -32.72 3.98
CA ASN E 117 -11.64 -32.04 4.18
C ASN E 117 -11.81 -31.67 5.66
N ASP E 118 -12.48 -30.54 5.89
CA ASP E 118 -12.80 -30.07 7.24
C ASP E 118 -11.52 -29.71 8.01
N VAL E 119 -10.55 -29.15 7.31
CA VAL E 119 -9.28 -28.80 7.92
C VAL E 119 -9.31 -27.33 8.31
N TRP E 120 -8.83 -27.04 9.51
CA TRP E 120 -8.74 -25.68 10.06
C TRP E 120 -7.27 -25.27 10.03
N ILE E 121 -6.89 -24.50 9.02
CA ILE E 121 -5.54 -23.96 8.89
C ILE E 121 -5.52 -22.56 9.47
N GLY E 122 -4.55 -22.28 10.33
CA GLY E 122 -4.50 -21.03 11.04
C GLY E 122 -3.95 -19.89 10.21
N ARG E 123 -3.91 -18.72 10.85
CA ARG E 123 -3.42 -17.52 10.21
C ARG E 123 -1.90 -17.56 10.07
N ASP E 124 -1.42 -17.13 8.91
CA ASP E 124 0.01 -17.03 8.62
C ASP E 124 0.70 -18.39 8.62
N VAL E 125 -0.04 -19.46 8.32
CA VAL E 125 0.58 -20.76 8.17
C VAL E 125 1.34 -20.82 6.85
N THR E 126 2.52 -21.41 6.87
CA THR E 126 3.30 -21.64 5.66
C THR E 126 3.36 -23.16 5.43
N ILE E 127 2.91 -23.59 4.26
CA ILE E 127 2.84 -25.01 3.90
C ILE E 127 3.95 -25.30 2.90
N MET E 128 4.68 -26.36 3.12
CA MET E 128 5.86 -26.70 2.34
C MET E 128 5.51 -27.66 1.21
N PRO E 129 6.41 -27.83 0.24
CA PRO E 129 6.12 -28.73 -0.88
C PRO E 129 5.90 -30.16 -0.43
N GLY E 130 5.02 -30.86 -1.15
CA GLY E 130 4.85 -32.29 -0.99
C GLY E 130 4.11 -32.73 0.25
N VAL E 131 3.64 -31.80 1.07
CA VAL E 131 3.01 -32.14 2.35
C VAL E 131 1.60 -32.65 2.11
N LYS E 132 1.18 -33.59 2.97
CA LYS E 132 -0.17 -34.11 3.00
C LYS E 132 -0.78 -33.84 4.38
N ILE E 133 -1.98 -33.27 4.39
CA ILE E 133 -2.68 -32.93 5.63
C ILE E 133 -4.00 -33.67 5.67
N GLY E 134 -4.16 -34.52 6.67
CA GLY E 134 -5.32 -35.38 6.75
C GLY E 134 -6.60 -34.64 7.10
N ASP E 135 -7.71 -35.35 6.97
CA ASP E 135 -9.02 -34.78 7.23
C ASP E 135 -9.13 -34.31 8.68
N GLY E 136 -9.86 -33.22 8.88
CA GLY E 136 -10.19 -32.77 10.21
C GLY E 136 -9.02 -32.37 11.06
N ALA E 137 -7.89 -32.04 10.47
CA ALA E 137 -6.71 -31.65 11.23
C ALA E 137 -6.77 -30.16 11.56
N ILE E 138 -6.01 -29.78 12.58
CA ILE E 138 -5.89 -28.39 13.00
C ILE E 138 -4.43 -27.98 12.85
N ILE E 139 -4.18 -26.94 12.06
CA ILE E 139 -2.86 -26.34 11.92
C ILE E 139 -2.88 -25.02 12.70
N ALA E 140 -2.11 -24.96 13.79
CA ALA E 140 -2.05 -23.73 14.56
C ALA E 140 -1.49 -22.60 13.72
N ALA E 141 -1.87 -21.37 14.06
CA ALA E 141 -1.38 -20.20 13.36
C ALA E 141 0.13 -20.09 13.51
N GLU E 142 0.76 -19.45 12.52
CA GLU E 142 2.20 -19.21 12.44
C GLU E 142 2.99 -20.49 12.18
N ALA E 143 2.33 -21.63 12.00
CA ALA E 143 3.04 -22.89 11.84
C ALA E 143 3.65 -22.98 10.44
N VAL E 144 4.76 -23.71 10.36
CA VAL E 144 5.40 -24.07 9.10
C VAL E 144 5.26 -25.57 8.96
N VAL E 145 4.39 -26.01 8.05
CA VAL E 145 4.10 -27.43 7.89
C VAL E 145 5.22 -28.05 7.07
N THR E 146 6.20 -28.66 7.73
CA THR E 146 7.35 -29.26 7.07
C THR E 146 7.20 -30.76 6.87
N LYS E 147 6.09 -31.35 7.27
CA LYS E 147 5.90 -32.79 7.17
C LYS E 147 4.39 -33.07 7.21
N ASN E 148 4.02 -34.31 6.90
CA ASN E 148 2.61 -34.66 6.81
C ASN E 148 1.95 -34.63 8.18
N VAL E 149 0.64 -34.35 8.17
CA VAL E 149 -0.16 -34.23 9.38
C VAL E 149 -1.23 -35.31 9.32
N ALA E 150 -1.29 -36.15 10.36
CA ALA E 150 -2.28 -37.21 10.39
C ALA E 150 -3.69 -36.63 10.51
N PRO E 151 -4.70 -37.38 10.09
CA PRO E 151 -6.08 -36.89 10.23
C PRO E 151 -6.43 -36.63 11.69
N TYR E 152 -7.10 -35.50 11.92
CA TYR E 152 -7.61 -35.11 13.23
C TYR E 152 -6.49 -34.89 14.24
N SER E 153 -5.35 -34.42 13.75
CA SER E 153 -4.23 -34.05 14.61
C SER E 153 -4.18 -32.55 14.81
N ILE E 154 -3.82 -32.12 16.01
CA ILE E 154 -3.49 -30.74 16.30
C ILE E 154 -1.97 -30.60 16.21
N VAL E 155 -1.51 -29.68 15.38
CA VAL E 155 -0.07 -29.48 15.17
C VAL E 155 0.23 -27.99 15.08
N GLY E 156 1.52 -27.67 15.16
CA GLY E 156 1.97 -26.30 15.08
C GLY E 156 3.45 -26.24 15.36
N GLY E 157 4.03 -25.08 15.06
CA GLY E 157 5.43 -24.83 15.30
C GLY E 157 6.23 -24.72 14.01
N ASN E 158 7.54 -24.55 14.20
CA ASN E 158 8.49 -24.42 13.09
C ASN E 158 9.84 -24.93 13.56
N PRO E 159 10.25 -26.13 13.14
CA PRO E 159 9.46 -27.04 12.30
C PRO E 159 8.19 -27.54 12.99
N LEU E 160 7.28 -28.12 12.22
CA LEU E 160 6.01 -28.59 12.77
C LEU E 160 6.25 -29.68 13.80
N LYS E 161 5.57 -29.57 14.94
CA LYS E 161 5.64 -30.56 15.99
C LYS E 161 4.24 -30.91 16.44
N PHE E 162 4.04 -32.21 16.70
CA PHE E 162 2.73 -32.76 17.01
C PHE E 162 2.35 -32.44 18.45
N ILE E 163 1.12 -31.94 18.63
CA ILE E 163 0.65 -31.51 19.95
C ILE E 163 -0.19 -32.62 20.56
N ARG E 164 -1.27 -33.00 19.88
CA ARG E 164 -2.13 -34.06 20.39
C ARG E 164 -3.11 -34.46 19.29
N LYS E 165 -3.89 -35.51 19.57
CA LYS E 165 -4.99 -35.93 18.71
C LYS E 165 -6.31 -35.43 19.27
N ARG E 166 -7.20 -34.99 18.39
CA ARG E 166 -8.45 -34.39 18.83
C ARG E 166 -9.33 -35.40 19.55
N PHE E 167 -9.34 -36.64 19.09
CA PHE E 167 -10.16 -37.70 19.67
C PHE E 167 -9.34 -38.98 19.75
N SER E 168 -9.87 -39.97 20.46
CA SER E 168 -9.22 -41.28 20.50
C SER E 168 -9.17 -41.88 19.10
N ASP E 169 -8.19 -42.76 18.90
CA ASP E 169 -8.00 -43.36 17.58
C ASP E 169 -9.28 -44.02 17.10
N GLY E 170 -10.00 -44.70 17.99
CA GLY E 170 -11.25 -45.33 17.60
C GLY E 170 -12.25 -44.34 17.05
N VAL E 171 -12.44 -43.23 17.77
CA VAL E 171 -13.41 -42.23 17.33
C VAL E 171 -12.95 -41.49 16.09
N ILE E 172 -11.64 -41.46 15.83
CA ILE E 172 -11.16 -40.76 14.65
C ILE E 172 -11.55 -41.50 13.38
N GLU E 173 -11.62 -42.83 13.43
CA GLU E 173 -11.96 -43.62 12.26
C GLU E 173 -13.46 -43.80 12.12
N GLU E 174 -14.22 -43.62 13.20
CA GLU E 174 -15.66 -43.44 13.04
C GLU E 174 -15.95 -42.18 12.23
N TRP E 175 -15.08 -41.18 12.33
CA TRP E 175 -15.26 -39.95 11.58
C TRP E 175 -14.83 -40.09 10.13
N LEU E 176 -13.68 -40.73 9.90
CA LEU E 176 -13.20 -40.93 8.55
C LEU E 176 -14.00 -41.98 7.78
N ALA E 177 -14.70 -42.87 8.48
CA ALA E 177 -15.62 -43.79 7.81
C ALA E 177 -16.91 -43.08 7.44
N LEU E 178 -17.36 -42.15 8.30
CA LEU E 178 -18.59 -41.41 8.03
C LEU E 178 -18.43 -40.53 6.81
N GLN E 179 -17.33 -39.79 6.72
CA GLN E 179 -17.08 -38.82 5.67
C GLN E 179 -18.34 -37.95 5.44
N TRP E 180 -18.66 -37.15 6.46
CA TRP E 180 -19.85 -36.33 6.35
C TRP E 180 -19.71 -35.28 5.25
N TRP E 181 -18.48 -34.90 4.89
CA TRP E 181 -18.27 -33.90 3.85
C TRP E 181 -18.54 -34.46 2.45
N ASN E 182 -18.60 -35.78 2.29
CA ASN E 182 -18.85 -36.39 1.00
C ASN E 182 -20.30 -36.82 0.83
N LEU E 183 -21.17 -36.51 1.79
CA LEU E 183 -22.58 -36.84 1.71
C LEU E 183 -23.34 -35.73 0.99
N ASP E 184 -24.48 -36.10 0.41
CA ASP E 184 -25.30 -35.14 -0.30
C ASP E 184 -25.67 -33.97 0.61
N MET E 185 -25.78 -32.78 0.03
CA MET E 185 -25.98 -31.58 0.84
C MET E 185 -27.27 -31.65 1.65
N LYS E 186 -28.27 -32.37 1.16
CA LYS E 186 -29.53 -32.48 1.91
C LYS E 186 -29.37 -33.35 3.15
N ILE E 187 -28.45 -34.32 3.11
CA ILE E 187 -28.15 -35.13 4.29
C ILE E 187 -27.30 -34.33 5.27
N ILE E 188 -26.34 -33.58 4.75
CA ILE E 188 -25.44 -32.71 5.58
C ILE E 188 -26.31 -31.76 6.41
N ASN E 189 -27.36 -31.18 5.83
CA ASN E 189 -28.17 -30.19 6.52
C ASN E 189 -29.02 -30.82 7.61
N GLU E 190 -29.50 -32.04 7.37
CA GLU E 190 -30.30 -32.70 8.39
C GLU E 190 -29.48 -33.11 9.61
N ASN E 191 -28.16 -33.21 9.46
CA ASN E 191 -27.30 -33.71 10.51
C ASN E 191 -26.33 -32.67 11.04
N LEU E 192 -26.43 -31.42 10.59
CA LEU E 192 -25.51 -30.39 11.03
C LEU E 192 -25.43 -30.26 12.55
N PRO E 193 -26.53 -30.39 13.32
CA PRO E 193 -26.39 -30.25 14.78
C PRO E 193 -25.40 -31.23 15.38
N PHE E 194 -25.37 -32.47 14.88
CA PHE E 194 -24.45 -33.45 15.42
C PHE E 194 -23.06 -33.32 14.81
N ILE E 195 -22.99 -32.99 13.52
CA ILE E 195 -21.70 -32.73 12.88
C ILE E 195 -20.96 -31.64 13.66
N ILE E 196 -21.70 -30.64 14.15
CA ILE E 196 -21.07 -29.49 14.77
C ILE E 196 -20.68 -29.76 16.21
N ASN E 197 -21.44 -30.57 16.94
CA ASN E 197 -21.23 -30.76 18.37
C ASN E 197 -20.54 -32.08 18.68
N GLY E 198 -20.04 -32.78 17.67
CA GLY E 198 -19.28 -33.99 17.91
C GLY E 198 -20.09 -35.17 18.40
N ASP E 199 -21.40 -35.21 18.12
CA ASP E 199 -22.23 -36.35 18.49
C ASP E 199 -22.02 -37.46 17.47
N ILE E 200 -20.86 -38.11 17.57
CA ILE E 200 -20.47 -39.12 16.60
C ILE E 200 -21.35 -40.37 16.73
N GLU E 201 -21.78 -40.68 17.95
CA GLU E 201 -22.62 -41.86 18.17
C GLU E 201 -23.97 -41.75 17.49
N MET E 202 -24.48 -40.53 17.27
CA MET E 202 -25.72 -40.34 16.54
C MET E 202 -25.51 -40.44 15.04
N LEU E 203 -24.52 -39.72 14.51
CA LEU E 203 -24.20 -39.82 13.10
C LEU E 203 -23.91 -41.27 12.71
N LYS E 204 -23.14 -41.97 13.53
CA LYS E 204 -22.86 -43.39 13.29
C LYS E 204 -24.16 -44.19 13.17
N ARG E 205 -25.10 -43.95 14.06
CA ARG E 205 -26.36 -44.69 14.09
C ARG E 205 -27.42 -44.12 13.15
N LYS E 206 -27.13 -43.00 12.49
CA LYS E 206 -28.05 -42.45 11.50
C LYS E 206 -27.74 -42.93 10.08
N ARG E 207 -26.89 -43.95 9.94
CA ARG E 207 -26.56 -44.51 8.64
C ARG E 207 -27.02 -45.97 8.56
N HIS F 1 31.24 -14.28 -20.94
CA HIS F 1 29.84 -14.66 -20.81
C HIS F 1 29.37 -14.60 -19.37
N GLY F 2 28.06 -14.67 -19.19
CA GLY F 2 27.44 -14.48 -17.91
C GLY F 2 26.89 -13.07 -17.80
N PRO F 3 26.06 -12.82 -16.80
CA PRO F 3 25.46 -11.49 -16.64
C PRO F 3 26.48 -10.47 -16.12
N ASP F 4 26.09 -9.20 -16.23
CA ASP F 4 26.87 -8.12 -15.65
C ASP F 4 26.58 -8.03 -14.16
N PRO F 5 27.59 -8.10 -13.28
CA PRO F 5 27.29 -8.11 -11.84
C PRO F 5 26.87 -6.76 -11.29
N GLU F 6 27.10 -5.67 -12.02
CA GLU F 6 26.66 -4.34 -11.60
C GLU F 6 25.35 -3.93 -12.25
N ASN F 7 24.64 -4.87 -12.87
CA ASN F 7 23.33 -4.64 -13.46
C ASN F 7 22.26 -4.93 -12.41
N ILE F 8 21.49 -3.91 -12.05
CA ILE F 8 20.60 -4.03 -10.90
C ILE F 8 19.53 -5.09 -11.15
N LEU F 9 18.92 -5.10 -12.33
CA LEU F 9 17.87 -6.05 -12.67
C LEU F 9 18.35 -6.92 -13.81
N PRO F 10 19.02 -8.04 -13.54
CA PRO F 10 19.68 -8.80 -14.60
C PRO F 10 18.79 -9.77 -15.37
N ILE F 11 17.50 -9.88 -15.07
CA ILE F 11 16.59 -10.74 -15.83
C ILE F 11 15.60 -9.86 -16.59
N LYS F 12 15.49 -10.07 -17.89
CA LYS F 12 14.63 -9.25 -18.73
C LYS F 12 13.17 -9.38 -18.31
N GLY F 13 12.52 -8.24 -18.08
CA GLY F 13 11.12 -8.21 -17.73
C GLY F 13 10.80 -8.56 -16.29
N ASN F 14 11.81 -8.75 -15.45
CA ASN F 14 11.63 -9.05 -14.03
C ASN F 14 12.16 -7.87 -13.24
N ARG F 15 11.26 -7.14 -12.57
CA ARG F 15 11.66 -6.01 -11.74
C ARG F 15 11.70 -6.36 -10.26
N ASN F 16 11.57 -7.64 -9.91
CA ASN F 16 11.68 -8.05 -8.52
C ASN F 16 13.08 -8.53 -8.16
N LEU F 17 13.72 -9.30 -9.02
CA LEU F 17 15.01 -9.92 -8.71
C LEU F 17 16.14 -8.94 -8.97
N GLN F 18 16.95 -8.66 -7.94
CA GLN F 18 17.95 -7.59 -7.93
C GLN F 18 19.36 -8.07 -7.54
N PHE F 19 20.38 -7.94 -8.41
CA PHE F 19 21.74 -8.08 -7.92
C PHE F 19 21.97 -7.07 -6.80
N ILE F 20 22.38 -7.56 -5.62
CA ILE F 20 22.33 -6.74 -4.43
C ILE F 20 23.40 -5.66 -4.46
N LYS F 21 24.64 -6.04 -4.77
CA LYS F 21 25.75 -5.11 -4.62
C LYS F 21 25.57 -3.80 -5.36
N PRO F 22 25.13 -3.78 -6.63
CA PRO F 22 24.93 -2.47 -7.31
C PRO F 22 23.81 -1.63 -6.72
N THR F 23 22.98 -2.20 -5.83
CA THR F 23 21.92 -1.43 -5.20
C THR F 23 22.34 -0.81 -3.88
N ILE F 24 23.53 -1.13 -3.39
CA ILE F 24 23.91 -0.76 -2.03
C ILE F 24 24.32 0.70 -1.99
N THR F 25 23.59 1.50 -1.20
CA THR F 25 23.84 2.91 -0.99
C THR F 25 24.61 3.19 0.28
N ASN F 26 24.62 2.26 1.23
CA ASN F 26 25.20 2.50 2.58
C ASN F 26 26.56 1.85 2.76
N GLU F 27 27.63 2.63 2.98
CA GLU F 27 28.95 2.05 3.35
C GLU F 27 28.70 1.46 4.74
N ASN F 28 29.27 0.27 5.03
CA ASN F 28 29.13 -0.68 6.18
C ASN F 28 28.31 -1.90 5.73
N ILE F 29 27.81 -1.95 4.50
CA ILE F 29 27.11 -3.15 3.96
C ILE F 29 27.98 -3.64 2.80
N LEU F 30 28.53 -4.86 2.86
CA LEU F 30 29.40 -5.34 1.79
C LEU F 30 28.85 -6.68 1.28
N VAL F 31 28.20 -6.64 0.13
CA VAL F 31 27.66 -7.82 -0.52
C VAL F 31 28.50 -8.12 -1.75
N GLY F 32 28.92 -9.37 -1.89
CA GLY F 32 29.65 -9.78 -3.08
C GLY F 32 28.78 -9.75 -4.31
N GLU F 33 29.44 -9.81 -5.46
CA GLU F 33 28.74 -9.72 -6.73
C GLU F 33 28.04 -11.03 -7.05
N TYR F 34 27.03 -10.93 -7.93
CA TYR F 34 26.21 -12.05 -8.35
C TYR F 34 25.24 -12.51 -7.27
N SER F 35 25.41 -12.01 -6.05
CA SER F 35 24.47 -12.29 -4.98
C SER F 35 23.21 -11.45 -5.21
N TYR F 36 22.06 -12.11 -5.25
CA TYR F 36 20.83 -11.43 -5.59
C TYR F 36 19.78 -11.57 -4.51
N TYR F 37 18.87 -10.60 -4.49
CA TYR F 37 17.70 -10.60 -3.63
C TYR F 37 16.47 -10.65 -4.53
N ASP F 38 15.67 -11.70 -4.38
CA ASP F 38 14.40 -11.82 -5.09
C ASP F 38 13.34 -11.14 -4.23
N SER F 39 12.99 -9.92 -4.61
CA SER F 39 12.11 -9.09 -3.81
C SER F 39 10.66 -9.55 -3.94
N LYS F 40 9.85 -9.17 -2.95
CA LYS F 40 8.42 -9.42 -3.02
C LYS F 40 7.73 -8.33 -3.84
N ARG F 41 7.93 -7.07 -3.46
CA ARG F 41 7.19 -5.95 -4.02
C ARG F 41 8.07 -5.00 -4.84
N GLY F 42 9.31 -5.38 -5.12
CA GLY F 42 10.26 -4.48 -5.72
C GLY F 42 11.08 -3.69 -4.73
N GLU F 43 10.98 -3.99 -3.44
CA GLU F 43 11.70 -3.27 -2.41
C GLU F 43 13.20 -3.53 -2.52
N SER F 44 13.98 -2.61 -1.96
CA SER F 44 15.42 -2.69 -1.99
C SER F 44 15.93 -3.67 -0.93
N PHE F 45 17.09 -4.26 -1.20
CA PHE F 45 17.68 -5.16 -0.22
C PHE F 45 17.99 -4.43 1.08
N GLU F 46 18.43 -3.17 0.99
CA GLU F 46 18.81 -2.43 2.18
C GLU F 46 17.62 -2.24 3.12
N ASP F 47 16.41 -2.11 2.59
CA ASP F 47 15.24 -1.97 3.44
C ASP F 47 15.00 -3.21 4.29
N GLN F 48 15.58 -4.34 3.92
CA GLN F 48 15.52 -5.54 4.74
C GLN F 48 16.52 -5.53 5.87
N VAL F 49 17.39 -4.53 5.95
CA VAL F 49 18.45 -4.46 6.95
C VAL F 49 17.97 -3.49 8.03
N LEU F 50 17.52 -4.05 9.15
CA LEU F 50 16.84 -3.30 10.19
C LEU F 50 17.75 -3.00 11.36
N TYR F 51 17.44 -1.90 12.06
CA TYR F 51 18.17 -1.51 13.26
C TYR F 51 19.67 -1.40 12.97
N HIS F 52 19.99 -0.78 11.85
CA HIS F 52 21.37 -0.66 11.36
C HIS F 52 21.78 0.81 11.45
N TYR F 53 22.53 1.14 12.50
CA TYR F 53 22.91 2.51 12.80
C TYR F 53 24.42 2.68 12.66
N GLU F 54 24.83 3.84 12.14
CA GLU F 54 26.25 4.10 11.98
C GLU F 54 26.95 4.16 13.34
N VAL F 55 26.25 4.66 14.35
CA VAL F 55 26.86 4.89 15.66
C VAL F 55 27.29 3.59 16.31
N ILE F 56 26.83 2.43 15.82
CA ILE F 56 27.17 1.16 16.44
C ILE F 56 28.25 0.47 15.62
N GLY F 57 28.30 0.77 14.33
CA GLY F 57 29.42 0.39 13.51
C GLY F 57 29.46 -1.04 13.04
N ASP F 58 28.40 -1.81 13.27
CA ASP F 58 28.38 -3.19 12.82
C ASP F 58 28.10 -3.24 11.32
N LYS F 59 28.54 -4.33 10.70
CA LYS F 59 28.46 -4.49 9.26
C LYS F 59 27.75 -5.77 8.91
N LEU F 60 27.05 -5.76 7.78
CA LEU F 60 26.49 -6.95 7.16
C LEU F 60 27.34 -7.26 5.95
N ILE F 61 28.02 -8.41 5.98
CA ILE F 61 28.80 -8.87 4.84
C ILE F 61 28.18 -10.17 4.33
N ILE F 62 28.10 -10.28 3.01
CA ILE F 62 27.54 -11.44 2.35
C ILE F 62 28.51 -11.87 1.26
N GLY F 63 28.72 -13.17 1.15
CA GLY F 63 29.57 -13.68 0.11
C GLY F 63 29.00 -13.45 -1.26
N ARG F 64 29.67 -14.03 -2.23
CA ARG F 64 29.25 -13.95 -3.62
C ARG F 64 28.42 -15.17 -3.97
N PHE F 65 27.64 -15.04 -5.05
CA PHE F 65 26.85 -16.15 -5.58
C PHE F 65 25.81 -16.66 -4.58
N CYS F 66 25.35 -15.79 -3.70
CA CYS F 66 24.29 -16.14 -2.76
C CYS F 66 22.94 -15.81 -3.38
N SER F 67 21.91 -16.52 -2.92
CA SER F 67 20.53 -16.23 -3.30
C SER F 67 19.75 -15.91 -2.02
N ILE F 68 19.29 -14.67 -1.91
CA ILE F 68 18.54 -14.20 -0.74
C ILE F 68 17.06 -14.23 -1.10
N GLY F 69 16.31 -15.08 -0.41
CA GLY F 69 14.90 -15.27 -0.68
C GLY F 69 14.06 -14.07 -0.31
N PRO F 70 12.90 -13.93 -0.95
CA PRO F 70 12.06 -12.76 -0.68
C PRO F 70 11.65 -12.69 0.78
N GLY F 71 11.64 -11.46 1.31
CA GLY F 71 11.23 -11.22 2.68
C GLY F 71 12.30 -11.47 3.73
N THR F 72 13.46 -11.99 3.35
CA THR F 72 14.53 -12.19 4.31
C THR F 72 14.89 -10.88 4.99
N THR F 73 15.00 -10.92 6.31
CA THR F 73 15.25 -9.74 7.13
C THR F 73 16.53 -9.96 7.92
N PHE F 74 17.30 -8.89 8.10
CA PHE F 74 18.56 -8.91 8.85
C PHE F 74 18.40 -8.00 10.06
N ILE F 75 18.45 -8.57 11.26
CA ILE F 75 18.33 -7.83 12.50
C ILE F 75 19.73 -7.53 13.00
N MET F 76 20.16 -6.27 12.88
CA MET F 76 21.49 -5.90 13.33
C MET F 76 21.47 -5.46 14.80
N ASN F 77 22.65 -5.11 15.30
CA ASN F 77 22.87 -5.05 16.75
C ASN F 77 22.20 -3.87 17.42
N GLY F 78 21.82 -2.83 16.66
CA GLY F 78 21.09 -1.73 17.25
C GLY F 78 19.78 -2.16 17.86
N ALA F 79 19.30 -3.35 17.52
CA ALA F 79 18.00 -3.81 18.00
C ALA F 79 18.05 -4.27 19.45
N ASN F 80 19.24 -4.56 19.99
CA ASN F 80 19.34 -5.14 21.32
C ASN F 80 19.28 -4.05 22.38
N HIS F 81 18.26 -4.13 23.24
CA HIS F 81 18.12 -3.19 24.33
C HIS F 81 19.18 -3.46 25.40
N ARG F 82 19.37 -2.47 26.27
CA ARG F 82 20.20 -2.66 27.45
C ARG F 82 19.52 -3.63 28.41
N MET F 83 20.31 -4.48 29.10
CA MET F 83 19.77 -5.57 29.96
C MET F 83 20.35 -5.60 31.40
N ASP F 84 20.98 -4.54 31.89
CA ASP F 84 21.49 -4.49 33.30
C ASP F 84 20.31 -4.56 34.28
N GLY F 85 19.30 -3.72 34.08
CA GLY F 85 18.03 -3.67 34.86
C GLY F 85 16.81 -3.53 33.96
N SER F 86 16.32 -2.31 33.69
CA SER F 86 15.16 -2.10 32.84
C SER F 86 15.60 -2.03 31.38
N THR F 87 14.88 -2.74 30.50
CA THR F 87 15.15 -2.70 29.07
C THR F 87 14.49 -1.51 28.39
N TYR F 88 13.59 -0.80 29.06
CA TYR F 88 12.90 0.33 28.46
C TYR F 88 13.90 1.42 28.08
N PRO F 89 13.88 1.92 26.84
CA PRO F 89 14.87 2.95 26.42
C PRO F 89 14.47 4.41 26.72
N PHE F 90 14.64 4.80 27.98
CA PHE F 90 14.17 6.10 28.43
C PHE F 90 14.71 7.24 27.59
N HIS F 91 15.99 7.19 27.23
CA HIS F 91 16.64 8.34 26.64
C HIS F 91 16.06 8.74 25.28
N LEU F 92 15.31 7.84 24.64
CA LEU F 92 14.74 8.09 23.28
C LEU F 92 13.65 9.17 23.34
N PHE F 93 12.88 9.18 24.43
CA PHE F 93 11.74 10.11 24.68
C PHE F 93 12.24 11.52 25.01
N ARG F 94 13.50 11.66 25.47
CA ARG F 94 14.15 12.96 25.79
C ARG F 94 13.31 13.64 26.89
N MET F 95 13.04 14.96 26.88
CA MET F 95 12.25 15.65 27.94
C MET F 95 12.82 15.38 29.33
N GLY F 96 14.16 15.38 29.49
CA GLY F 96 14.84 15.16 30.78
C GLY F 96 15.52 13.80 30.89
N TRP F 97 15.14 12.86 30.02
CA TRP F 97 15.63 11.46 29.95
C TRP F 97 16.77 11.31 28.95
N GLU F 98 17.17 12.37 28.23
CA GLU F 98 18.23 12.33 27.19
C GLU F 98 19.60 12.06 27.83
N LYS F 99 19.80 12.44 29.09
CA LYS F 99 21.07 12.23 29.83
C LYS F 99 21.24 10.76 30.22
N TYR F 100 20.18 9.94 30.23
CA TYR F 100 20.31 8.52 30.55
C TYR F 100 20.70 7.71 29.33
N MET F 101 21.78 8.14 28.69
CA MET F 101 22.23 7.60 27.41
C MET F 101 23.12 6.39 27.64
N PRO F 102 22.82 5.25 27.02
CA PRO F 102 23.76 4.12 27.07
C PRO F 102 24.90 4.33 26.08
N SER F 103 26.05 3.74 26.41
CA SER F 103 27.19 3.69 25.53
C SER F 103 27.35 2.27 25.01
N LEU F 104 28.21 2.11 24.00
CA LEU F 104 28.36 0.83 23.34
C LEU F 104 28.75 -0.27 24.33
N LYS F 105 29.45 0.09 25.40
CA LYS F 105 29.82 -0.88 26.42
C LYS F 105 28.62 -1.41 27.17
N ASP F 106 27.57 -0.61 27.29
CA ASP F 106 26.40 -0.98 28.08
C ASP F 106 25.43 -1.87 27.34
N LEU F 107 25.60 -2.05 26.02
CA LEU F 107 24.62 -2.77 25.23
C LEU F 107 25.15 -4.15 24.87
N PRO F 108 24.25 -5.14 24.71
CA PRO F 108 24.71 -6.50 24.31
C PRO F 108 24.94 -6.60 22.81
N LEU F 109 26.03 -6.00 22.34
CA LEU F 109 26.39 -6.08 20.94
C LEU F 109 27.12 -7.39 20.67
N LYS F 110 26.84 -7.98 19.50
CA LYS F 110 27.29 -9.33 19.20
C LYS F 110 28.14 -9.43 17.94
N GLY F 111 28.35 -8.33 17.24
CA GLY F 111 29.28 -8.30 16.14
C GLY F 111 28.60 -8.36 14.78
N ASP F 112 29.45 -8.46 13.77
CA ASP F 112 28.98 -8.44 12.39
C ASP F 112 28.17 -9.69 12.08
N ILE F 113 27.25 -9.54 11.12
CA ILE F 113 26.58 -10.67 10.49
C ILE F 113 27.37 -10.99 9.22
N GLU F 114 28.08 -12.10 9.23
CA GLU F 114 28.92 -12.51 8.11
C GLU F 114 28.33 -13.77 7.49
N ILE F 115 28.00 -13.69 6.20
CA ILE F 115 27.49 -14.83 5.45
C ILE F 115 28.50 -15.14 4.34
N GLY F 116 28.72 -16.43 4.11
CA GLY F 116 29.71 -16.87 3.16
C GLY F 116 29.21 -16.82 1.73
N ASN F 117 29.88 -17.60 0.87
CA ASN F 117 29.58 -17.61 -0.56
C ASN F 117 28.72 -18.82 -0.91
N ASP F 118 27.97 -18.68 -2.00
CA ASP F 118 27.10 -19.73 -2.52
C ASP F 118 26.10 -20.19 -1.47
N VAL F 119 25.60 -19.25 -0.69
CA VAL F 119 24.61 -19.56 0.35
C VAL F 119 23.22 -19.35 -0.23
N TRP F 120 22.33 -20.30 0.02
CA TRP F 120 20.94 -20.26 -0.42
C TRP F 120 20.08 -19.98 0.81
N ILE F 121 19.56 -18.77 0.92
CA ILE F 121 18.71 -18.36 2.03
C ILE F 121 17.27 -18.35 1.56
N GLY F 122 16.41 -19.02 2.31
CA GLY F 122 15.05 -19.20 1.88
C GLY F 122 14.18 -17.98 2.08
N ARG F 123 12.95 -18.10 1.61
CA ARG F 123 11.97 -17.03 1.74
C ARG F 123 11.66 -16.78 3.21
N ASP F 124 11.53 -15.50 3.56
CA ASP F 124 11.08 -15.09 4.89
C ASP F 124 12.02 -15.62 5.98
N VAL F 125 13.31 -15.59 5.72
CA VAL F 125 14.30 -15.94 6.73
C VAL F 125 14.66 -14.69 7.51
N THR F 126 14.78 -14.84 8.83
CA THR F 126 15.17 -13.74 9.70
C THR F 126 16.50 -14.09 10.34
N ILE F 127 17.51 -13.25 10.11
CA ILE F 127 18.87 -13.47 10.59
C ILE F 127 19.15 -12.48 11.71
N MET F 128 19.59 -12.98 12.85
CA MET F 128 19.76 -12.22 14.07
C MET F 128 21.19 -11.75 14.23
N PRO F 129 21.45 -10.84 15.17
CA PRO F 129 22.77 -10.20 15.22
C PRO F 129 23.91 -11.17 15.53
N GLY F 130 25.06 -10.90 14.93
CA GLY F 130 26.29 -11.61 15.23
C GLY F 130 26.42 -12.97 14.58
N VAL F 131 25.44 -13.39 13.80
CA VAL F 131 25.42 -14.74 13.26
C VAL F 131 26.36 -14.86 12.07
N LYS F 132 27.11 -15.95 12.03
CA LYS F 132 28.01 -16.26 10.93
C LYS F 132 27.46 -17.48 10.20
N ILE F 133 27.30 -17.35 8.88
CA ILE F 133 26.77 -18.44 8.05
C ILE F 133 27.84 -18.82 7.04
N GLY F 134 28.25 -20.08 7.08
CA GLY F 134 29.36 -20.54 6.28
C GLY F 134 29.03 -20.73 4.82
N ASP F 135 30.08 -21.00 4.04
CA ASP F 135 29.93 -21.16 2.60
C ASP F 135 29.02 -22.35 2.28
N GLY F 136 28.18 -22.17 1.26
CA GLY F 136 27.42 -23.28 0.72
C GLY F 136 26.31 -23.80 1.59
N ALA F 137 26.01 -23.14 2.71
CA ALA F 137 24.93 -23.58 3.56
C ALA F 137 23.58 -23.36 2.88
N ILE F 138 22.56 -24.06 3.37
CA ILE F 138 21.19 -23.89 2.92
C ILE F 138 20.33 -23.58 4.13
N ILE F 139 19.58 -22.49 4.06
CA ILE F 139 18.71 -22.06 5.15
C ILE F 139 17.27 -22.29 4.70
N ALA F 140 16.59 -23.23 5.34
CA ALA F 140 15.18 -23.47 5.05
C ALA F 140 14.38 -22.18 5.19
N ALA F 141 13.27 -22.12 4.46
CA ALA F 141 12.41 -20.95 4.52
C ALA F 141 11.82 -20.80 5.93
N GLU F 142 11.46 -19.57 6.27
CA GLU F 142 10.83 -19.20 7.53
C GLU F 142 11.77 -19.32 8.72
N ALA F 143 13.03 -19.70 8.50
CA ALA F 143 13.93 -19.96 9.61
C ALA F 143 14.34 -18.67 10.30
N VAL F 144 14.57 -18.76 11.60
CA VAL F 144 15.12 -17.67 12.40
C VAL F 144 16.53 -18.10 12.80
N VAL F 145 17.54 -17.50 12.18
CA VAL F 145 18.92 -17.93 12.36
C VAL F 145 19.44 -17.29 13.64
N THR F 146 19.46 -18.08 14.72
CA THR F 146 19.82 -17.60 16.05
C THR F 146 21.24 -17.99 16.45
N LYS F 147 21.98 -18.68 15.58
CA LYS F 147 23.32 -19.16 15.89
C LYS F 147 24.03 -19.45 14.58
N ASN F 148 25.34 -19.66 14.68
CA ASN F 148 26.14 -19.85 13.47
C ASN F 148 25.72 -21.11 12.73
N VAL F 149 25.87 -21.07 11.40
CA VAL F 149 25.55 -22.18 10.51
C VAL F 149 26.85 -22.63 9.86
N ALA F 150 27.22 -23.89 10.11
CA ALA F 150 28.46 -24.43 9.58
C ALA F 150 28.41 -24.49 8.05
N PRO F 151 29.57 -24.49 7.39
CA PRO F 151 29.58 -24.57 5.93
C PRO F 151 28.95 -25.87 5.44
N TYR F 152 28.11 -25.74 4.41
CA TYR F 152 27.48 -26.88 3.75
C TYR F 152 26.61 -27.69 4.69
N SER F 153 26.00 -27.02 5.66
CA SER F 153 24.98 -27.60 6.50
C SER F 153 23.61 -27.03 6.13
N ILE F 154 22.59 -27.86 6.27
CA ILE F 154 21.21 -27.47 6.03
C ILE F 154 20.54 -27.25 7.38
N VAL F 155 19.89 -26.10 7.55
CA VAL F 155 19.27 -25.75 8.82
C VAL F 155 17.90 -25.10 8.58
N GLY F 156 17.13 -25.02 9.66
CA GLY F 156 15.81 -24.43 9.58
C GLY F 156 15.13 -24.48 10.94
N GLY F 157 14.00 -23.79 11.03
CA GLY F 157 13.22 -23.75 12.25
C GLY F 157 13.39 -22.44 12.99
N ASN F 158 12.69 -22.36 14.13
CA ASN F 158 12.76 -21.22 15.03
C ASN F 158 12.53 -21.70 16.46
N PRO F 159 13.58 -21.75 17.30
CA PRO F 159 14.97 -21.42 16.96
C PRO F 159 15.58 -22.40 15.95
N LEU F 160 16.75 -22.07 15.45
CA LEU F 160 17.37 -22.88 14.40
C LEU F 160 17.76 -24.25 14.93
N LYS F 161 17.58 -25.27 14.09
CA LYS F 161 17.98 -26.63 14.38
C LYS F 161 18.79 -27.17 13.21
N PHE F 162 19.77 -28.02 13.54
CA PHE F 162 20.61 -28.65 12.52
C PHE F 162 19.86 -29.84 11.92
N ILE F 163 19.82 -29.88 10.58
CA ILE F 163 19.09 -30.95 9.90
C ILE F 163 20.08 -32.03 9.44
N ARG F 164 21.04 -31.64 8.60
CA ARG F 164 22.00 -32.59 8.06
C ARG F 164 23.07 -31.80 7.31
N LYS F 165 24.16 -32.50 6.98
CA LYS F 165 25.25 -31.93 6.19
C LYS F 165 25.10 -32.38 4.74
N ARG F 166 25.34 -31.45 3.81
CA ARG F 166 25.06 -31.71 2.41
C ARG F 166 25.89 -32.86 1.87
N PHE F 167 27.17 -32.92 2.23
CA PHE F 167 28.07 -33.96 1.74
C PHE F 167 28.88 -34.53 2.90
N SER F 168 29.82 -35.41 2.54
CA SER F 168 30.82 -35.92 3.48
C SER F 168 31.61 -34.75 4.06
N ASP F 169 32.19 -34.94 5.25
CA ASP F 169 33.14 -33.94 5.75
C ASP F 169 34.39 -33.89 4.88
N GLY F 170 34.72 -35.01 4.23
CA GLY F 170 35.86 -35.00 3.31
C GLY F 170 35.57 -34.21 2.06
N VAL F 171 34.39 -34.41 1.47
CA VAL F 171 34.03 -33.66 0.28
C VAL F 171 33.77 -32.21 0.61
N ILE F 172 33.31 -31.92 1.83
CA ILE F 172 33.06 -30.54 2.22
C ILE F 172 34.36 -29.75 2.26
N GLU F 173 35.41 -30.32 2.89
CA GLU F 173 36.69 -29.62 2.94
C GLU F 173 37.27 -29.41 1.53
N GLU F 174 36.98 -30.34 0.61
CA GLU F 174 37.48 -30.18 -0.76
C GLU F 174 36.80 -29.01 -1.45
N TRP F 175 35.50 -28.81 -1.22
CA TRP F 175 34.82 -27.64 -1.76
C TRP F 175 35.41 -26.37 -1.18
N LEU F 176 35.57 -26.32 0.14
CA LEU F 176 36.10 -25.12 0.78
C LEU F 176 37.53 -24.83 0.35
N ALA F 177 38.30 -25.86 0.03
CA ALA F 177 39.65 -25.65 -0.47
C ALA F 177 39.64 -25.17 -1.92
N LEU F 178 38.55 -25.36 -2.64
CA LEU F 178 38.47 -24.97 -4.04
C LEU F 178 38.09 -23.51 -4.19
N GLN F 179 37.09 -23.07 -3.43
CA GLN F 179 36.63 -21.68 -3.46
C GLN F 179 36.37 -21.21 -4.90
N TRP F 180 35.49 -21.96 -5.59
CA TRP F 180 35.22 -21.64 -6.99
C TRP F 180 34.71 -20.22 -7.15
N TRP F 181 34.09 -19.67 -6.11
CA TRP F 181 33.55 -18.32 -6.19
C TRP F 181 34.63 -17.25 -6.29
N ASN F 182 35.84 -17.54 -5.82
CA ASN F 182 36.94 -16.59 -5.89
C ASN F 182 37.84 -16.79 -7.10
N LEU F 183 37.64 -17.87 -7.86
CA LEU F 183 38.37 -18.03 -9.12
C LEU F 183 37.98 -16.91 -10.08
N ASP F 184 38.92 -16.55 -10.95
CA ASP F 184 38.63 -15.59 -12.00
C ASP F 184 37.39 -16.05 -12.77
N MET F 185 36.59 -15.08 -13.21
CA MET F 185 35.24 -15.41 -13.68
C MET F 185 35.24 -16.33 -14.89
N LYS F 186 36.22 -16.19 -15.79
CA LYS F 186 36.21 -17.03 -16.97
C LYS F 186 36.77 -18.42 -16.73
N ILE F 187 37.56 -18.62 -15.66
CA ILE F 187 37.81 -19.99 -15.21
C ILE F 187 36.55 -20.57 -14.61
N ILE F 188 35.74 -19.73 -13.95
CA ILE F 188 34.45 -20.19 -13.44
C ILE F 188 33.60 -20.71 -14.59
N ASN F 189 33.59 -19.96 -15.70
CA ASN F 189 32.80 -20.38 -16.86
C ASN F 189 33.31 -21.69 -17.42
N GLU F 190 34.64 -21.88 -17.43
CA GLU F 190 35.19 -23.14 -17.92
C GLU F 190 34.59 -24.32 -17.15
N ASN F 191 34.37 -24.16 -15.85
CA ASN F 191 34.05 -25.28 -14.97
C ASN F 191 32.63 -25.26 -14.45
N LEU F 192 31.78 -24.34 -14.88
CA LEU F 192 30.42 -24.33 -14.37
C LEU F 192 29.66 -25.63 -14.64
N PRO F 193 29.86 -26.34 -15.74
CA PRO F 193 29.22 -27.67 -15.89
C PRO F 193 29.44 -28.55 -14.67
N PHE F 194 30.63 -28.51 -14.09
CA PHE F 194 30.98 -29.35 -12.95
C PHE F 194 30.83 -28.62 -11.62
N ILE F 195 30.69 -27.29 -11.64
CA ILE F 195 30.31 -26.58 -10.41
C ILE F 195 28.83 -26.82 -10.11
N ILE F 196 28.02 -27.01 -11.15
CA ILE F 196 26.58 -27.15 -10.97
C ILE F 196 26.22 -28.59 -10.62
N ASN F 197 26.84 -29.57 -11.29
CA ASN F 197 26.53 -30.97 -11.05
C ASN F 197 27.28 -31.55 -9.86
N GLY F 198 28.18 -30.77 -9.24
CA GLY F 198 28.83 -31.23 -8.03
C GLY F 198 29.97 -32.18 -8.22
N ASP F 199 30.55 -32.25 -9.42
CA ASP F 199 31.70 -33.12 -9.69
C ASP F 199 32.95 -32.47 -9.10
N ILE F 200 33.14 -32.69 -7.80
CA ILE F 200 34.23 -32.03 -7.10
C ILE F 200 35.57 -32.60 -7.54
N GLU F 201 35.58 -33.87 -7.91
CA GLU F 201 36.83 -34.52 -8.37
C GLU F 201 37.33 -33.88 -9.64
N MET F 202 36.45 -33.69 -10.63
CA MET F 202 36.84 -33.01 -11.85
C MET F 202 37.35 -31.60 -11.59
N LEU F 203 36.75 -30.94 -10.60
CA LEU F 203 37.17 -29.58 -10.27
C LEU F 203 38.54 -29.55 -9.62
N LYS F 204 38.91 -30.60 -8.89
CA LYS F 204 40.19 -30.61 -8.21
C LYS F 204 41.30 -31.06 -9.14
#